data_7ALO
#
_entry.id   7ALO
#
_cell.length_a   45.200
_cell.length_b   69.610
_cell.length_c   82.540
_cell.angle_alpha   80.240
_cell.angle_beta   88.362
_cell.angle_gamma   89.877
#
_symmetry.space_group_name_H-M   'P 1'
#
loop_
_entity.id
_entity.type
_entity.pdbx_description
1 polymer 'Lymphocyte antigen HLA-B27'
2 polymer Beta-2-microglobulin
3 polymer 'Vasoactive intestinal polypeptide receptor 1'
4 non-polymer GLYCEROL
5 non-polymer 2-AMINO-2-HYDROXYMETHYL-PROPANE-1,3-DIOL
6 non-polymer 'PENTAETHYLENE GLYCOL'
7 non-polymer 'TRIETHYLENE GLYCOL'
8 non-polymer DI(HYDROXYETHYL)ETHER
9 water water
#
loop_
_entity_poly.entity_id
_entity_poly.type
_entity_poly.pdbx_seq_one_letter_code
_entity_poly.pdbx_strand_id
1 'polypeptide(L)'
;MAHHHHHHVDDDDKIGSHSMRYFHTSVSRPGRGEPRFITVGYVDDTLFVRFDSDAASPREEPRAPWIEQEGPEYWDRETQ
ICKAKAQTDREDLRTLLRYYNQSEAGSHTLQNMYGCDVGPDGRLLRGYHQHAYDGKDYIALNEDLSSWTAADTAAQITQR
KWEAARVAEQLRAYLEGECVEWLRRYLENGKETLQRADPPKTHVTHHPISDHEATLRCWALGFYPAEITLTWQRDGEDQT
QDTELVETRPAGDRTFQKWAAVVVPSGEEQRYTCHVQHEGLPKPLTLRWEPS
;
A,D
2 'polypeptide(L)'
;MIQRTPKIQVYSRHPAENGKSNFLNCYVSGFHPSDIEVDLLKNGERIEKVEHSDLSFSKDWSFYLLYYTEFTPTEKDEYA
CRVNHVTLSQPKIVKWDRDM
;
B,E
3 'polypeptide(L)' RRKWRRW(PRQ)L C,F
#
# COMPACT_ATOMS: atom_id res chain seq x y z
N GLY A 16 5.09 35.66 -17.40
CA GLY A 16 5.34 36.36 -16.16
C GLY A 16 6.63 35.95 -15.47
N SER A 17 6.62 35.98 -14.14
CA SER A 17 7.78 35.61 -13.32
C SER A 17 7.74 34.10 -13.04
N HIS A 18 8.89 33.44 -13.20
CA HIS A 18 8.93 32.00 -13.01
C HIS A 18 10.21 31.57 -12.29
N SER A 19 10.22 30.30 -11.88
CA SER A 19 11.37 29.75 -11.17
C SER A 19 11.53 28.26 -11.48
N MET A 20 12.76 27.79 -11.26
CA MET A 20 13.12 26.40 -11.39
C MET A 20 13.91 26.08 -10.14
N ARG A 21 13.57 24.98 -9.48
CA ARG A 21 14.23 24.61 -8.22
C ARG A 21 14.48 23.12 -8.17
N TYR A 22 15.64 22.75 -7.65
CA TYR A 22 16.02 21.35 -7.47
C TYR A 22 16.25 21.19 -5.98
N PHE A 23 15.55 20.24 -5.36
CA PHE A 23 15.62 19.94 -3.95
C PHE A 23 16.28 18.59 -3.77
N HIS A 24 17.08 18.44 -2.71
CA HIS A 24 17.78 17.18 -2.46
C HIS A 24 17.81 16.91 -0.97
N THR A 25 17.65 15.65 -0.60
CA THR A 25 17.69 15.25 0.80
C THR A 25 18.38 13.90 0.89
N SER A 26 19.39 13.81 1.76
CA SER A 26 20.10 12.58 2.04
C SER A 26 19.96 12.38 3.53
N VAL A 27 19.62 11.16 3.94
CA VAL A 27 19.44 10.81 5.34
C VAL A 27 20.25 9.56 5.59
N SER A 28 21.18 9.63 6.55
CA SER A 28 21.96 8.44 6.85
C SER A 28 21.08 7.44 7.59
N ARG A 29 21.40 6.16 7.44
CA ARG A 29 20.61 5.08 8.04
C ARG A 29 21.55 4.12 8.75
N PRO A 30 22.02 4.49 9.94
CA PRO A 30 22.97 3.66 10.68
C PRO A 30 22.49 2.22 10.83
N GLY A 31 23.35 1.28 10.45
CA GLY A 31 23.09 -0.14 10.57
C GLY A 31 22.03 -0.70 9.64
N ARG A 32 21.44 0.11 8.75
CA ARG A 32 20.41 -0.39 7.84
C ARG A 32 20.77 -0.28 6.37
N GLY A 33 21.87 0.36 6.01
CA GLY A 33 22.27 0.47 4.62
C GLY A 33 22.77 1.86 4.32
N GLU A 34 22.97 2.12 3.02
N GLU A 34 22.98 2.12 3.03
CA GLU A 34 23.45 3.41 2.56
CA GLU A 34 23.47 3.42 2.59
C GLU A 34 22.41 4.48 2.85
C GLU A 34 22.41 4.48 2.87
N PRO A 35 22.80 5.76 2.84
CA PRO A 35 21.82 6.81 3.10
C PRO A 35 20.77 6.86 2.00
N ARG A 36 19.57 7.30 2.38
CA ARG A 36 18.47 7.47 1.45
C ARG A 36 18.63 8.82 0.76
N PHE A 37 18.58 8.84 -0.58
CA PHE A 37 18.73 10.08 -1.34
C PHE A 37 17.50 10.27 -2.21
N ILE A 38 16.84 11.41 -2.06
CA ILE A 38 15.63 11.75 -2.80
C ILE A 38 15.77 13.18 -3.32
N THR A 39 15.52 13.37 -4.62
CA THR A 39 15.61 14.71 -5.18
C THR A 39 14.46 14.91 -6.16
N VAL A 40 13.91 16.12 -6.15
CA VAL A 40 12.79 16.50 -7.00
C VAL A 40 13.12 17.86 -7.61
N GLY A 41 12.57 18.10 -8.78
CA GLY A 41 12.76 19.37 -9.47
C GLY A 41 11.38 19.97 -9.72
N TYR A 42 11.29 21.28 -9.60
CA TYR A 42 10.04 22.00 -9.80
C TYR A 42 10.23 23.19 -10.72
N VAL A 43 9.19 23.49 -11.49
CA VAL A 43 9.11 24.70 -12.31
C VAL A 43 7.88 25.38 -11.71
N ASP A 44 8.07 26.54 -11.10
CA ASP A 44 6.96 27.24 -10.41
C ASP A 44 6.44 26.25 -9.36
N ASP A 45 5.13 26.02 -9.26
CA ASP A 45 4.62 25.05 -8.28
C ASP A 45 4.36 23.68 -8.90
N THR A 46 4.93 23.41 -10.07
CA THR A 46 4.74 22.16 -10.78
C THR A 46 5.94 21.24 -10.67
N LEU A 47 5.74 20.07 -10.07
CA LEU A 47 6.80 19.07 -9.94
C LEU A 47 7.01 18.42 -11.30
N PHE A 48 8.26 18.27 -11.77
CA PHE A 48 8.46 17.67 -13.07
C PHE A 48 9.49 16.54 -13.14
N VAL A 49 10.37 16.37 -12.16
CA VAL A 49 11.32 15.26 -12.20
C VAL A 49 11.51 14.75 -10.78
N ARG A 50 11.85 13.46 -10.66
CA ARG A 50 12.10 12.84 -9.36
C ARG A 50 13.14 11.73 -9.50
N PHE A 51 13.91 11.53 -8.44
CA PHE A 51 14.91 10.48 -8.37
C PHE A 51 14.97 10.02 -6.93
N ASP A 52 14.83 8.70 -6.72
CA ASP A 52 14.89 8.07 -5.40
C ASP A 52 15.94 6.99 -5.47
N SER A 53 16.93 7.06 -4.58
CA SER A 53 18.01 6.07 -4.59
C SER A 53 17.55 4.68 -4.19
N ASP A 54 16.39 4.55 -3.55
CA ASP A 54 15.92 3.27 -3.04
C ASP A 54 15.42 2.31 -4.12
N ALA A 55 16.32 1.91 -5.02
CA ALA A 55 15.97 1.00 -6.08
C ALA A 55 17.23 0.30 -6.57
N ALA A 56 17.03 -0.83 -7.25
CA ALA A 56 18.16 -1.58 -7.78
C ALA A 56 18.89 -0.77 -8.85
N SER A 57 18.15 -0.19 -9.78
CA SER A 57 18.71 0.63 -10.85
C SER A 57 17.85 1.88 -10.97
N PRO A 58 18.00 2.82 -10.03
CA PRO A 58 17.18 4.03 -10.07
C PRO A 58 17.56 4.95 -11.22
N ARG A 59 16.57 5.67 -11.72
CA ARG A 59 16.75 6.63 -12.79
C ARG A 59 15.87 7.83 -12.49
N GLU A 60 16.26 9.00 -12.98
CA GLU A 60 15.39 10.14 -12.78
C GLU A 60 14.17 9.90 -13.65
N GLU A 61 12.99 10.23 -13.13
CA GLU A 61 11.76 9.98 -13.88
C GLU A 61 10.94 11.24 -14.07
N PRO A 62 10.17 11.32 -15.16
CA PRO A 62 9.33 12.50 -15.38
C PRO A 62 8.11 12.51 -14.48
N ARG A 63 7.69 13.71 -14.11
CA ARG A 63 6.50 13.89 -13.28
C ARG A 63 5.54 14.92 -13.83
N ALA A 64 5.82 15.48 -15.02
CA ALA A 64 4.98 16.46 -15.69
C ALA A 64 4.96 16.03 -17.15
N PRO A 65 3.84 16.19 -17.84
CA PRO A 65 3.79 15.75 -19.25
C PRO A 65 4.75 16.49 -20.17
N TRP A 66 4.95 17.80 -19.98
CA TRP A 66 5.81 18.55 -20.89
C TRP A 66 7.30 18.19 -20.80
N ILE A 67 7.72 17.37 -19.84
CA ILE A 67 9.12 16.98 -19.78
C ILE A 67 9.35 15.59 -20.40
N GLU A 68 8.30 14.80 -20.58
CA GLU A 68 8.45 13.46 -21.15
C GLU A 68 9.04 13.47 -22.56
N GLN A 69 8.90 14.57 -23.30
CA GLN A 69 9.44 14.64 -24.66
C GLN A 69 10.96 14.72 -24.71
N GLU A 70 11.64 14.96 -23.58
CA GLU A 70 13.08 15.03 -23.63
C GLU A 70 13.66 13.67 -24.04
N GLY A 71 14.68 13.70 -24.89
CA GLY A 71 15.29 12.50 -25.40
C GLY A 71 16.07 11.67 -24.39
N PRO A 72 16.52 10.49 -24.82
CA PRO A 72 17.26 9.60 -23.90
C PRO A 72 18.51 10.23 -23.32
N GLU A 73 19.23 11.05 -24.08
CA GLU A 73 20.44 11.70 -23.55
C GLU A 73 20.12 12.55 -22.32
N TYR A 74 18.94 13.17 -22.30
CA TYR A 74 18.54 13.99 -21.16
C TYR A 74 18.37 13.14 -19.92
N TRP A 75 17.63 12.04 -20.02
CA TRP A 75 17.43 11.20 -18.85
C TRP A 75 18.74 10.53 -18.43
N ASP A 76 19.58 10.18 -19.39
CA ASP A 76 20.85 9.55 -19.07
C ASP A 76 21.73 10.51 -18.26
N ARG A 77 21.86 11.75 -18.74
CA ARG A 77 22.68 12.74 -18.03
C ARG A 77 22.10 13.04 -16.66
N GLU A 78 20.79 13.26 -16.59
CA GLU A 78 20.16 13.54 -15.32
C GLU A 78 20.39 12.42 -14.32
N THR A 79 20.23 11.18 -14.76
CA THR A 79 20.44 10.03 -13.88
C THR A 79 21.89 9.98 -13.40
N GLN A 80 22.84 10.22 -14.31
CA GLN A 80 24.25 10.21 -13.91
C GLN A 80 24.52 11.28 -12.87
N ILE A 81 23.95 12.48 -13.08
CA ILE A 81 24.14 13.56 -12.11
C ILE A 81 23.52 13.18 -10.78
N CYS A 82 22.31 12.61 -10.81
CA CYS A 82 21.66 12.23 -9.56
C CYS A 82 22.48 11.19 -8.81
N LYS A 83 22.99 10.19 -9.53
CA LYS A 83 23.81 9.17 -8.85
C LYS A 83 25.08 9.81 -8.28
N ALA A 84 25.68 10.75 -9.01
CA ALA A 84 26.88 11.42 -8.50
C ALA A 84 26.55 12.24 -7.26
N LYS A 85 25.39 12.91 -7.26
N LYS A 85 25.39 12.93 -7.25
CA LYS A 85 24.99 13.71 -6.11
CA LYS A 85 25.03 13.72 -6.09
C LYS A 85 24.78 12.84 -4.88
C LYS A 85 24.79 12.83 -4.87
N ALA A 86 24.19 11.65 -5.07
CA ALA A 86 23.98 10.75 -3.94
C ALA A 86 25.33 10.34 -3.34
N GLN A 87 26.31 10.08 -4.21
N GLN A 87 26.31 10.08 -4.21
CA GLN A 87 27.62 9.68 -3.72
CA GLN A 87 27.63 9.68 -3.74
C GLN A 87 28.32 10.82 -2.99
C GLN A 87 28.32 10.82 -2.99
N THR A 88 28.27 12.03 -3.55
CA THR A 88 28.90 13.16 -2.88
C THR A 88 28.23 13.45 -1.55
N ASP A 89 26.90 13.29 -1.50
CA ASP A 89 26.17 13.49 -0.25
C ASP A 89 26.63 12.49 0.81
N ARG A 90 26.88 11.24 0.40
CA ARG A 90 27.35 10.25 1.36
C ARG A 90 28.69 10.68 1.92
N GLU A 91 29.58 11.19 1.06
CA GLU A 91 30.88 11.68 1.52
C GLU A 91 30.72 12.91 2.41
N ASP A 92 29.81 13.80 2.02
CA ASP A 92 29.58 15.02 2.80
C ASP A 92 29.03 14.69 4.19
N LEU A 93 28.13 13.71 4.28
CA LEU A 93 27.62 13.33 5.59
C LEU A 93 28.76 12.86 6.49
N ARG A 94 29.71 12.09 5.93
N ARG A 94 29.71 12.10 5.94
CA ARG A 94 30.85 11.63 6.72
CA ARG A 94 30.83 11.64 6.77
C ARG A 94 31.70 12.81 7.18
C ARG A 94 31.71 12.82 7.19
N THR A 95 31.89 13.80 6.30
CA THR A 95 32.69 14.97 6.65
C THR A 95 32.03 15.73 7.80
N LEU A 96 30.71 15.90 7.73
CA LEU A 96 29.97 16.62 8.76
C LEU A 96 30.07 15.93 10.12
N LEU A 97 30.11 14.59 10.13
CA LEU A 97 30.27 13.89 11.40
C LEU A 97 31.58 14.28 12.05
N ARG A 98 32.61 14.53 11.24
CA ARG A 98 33.91 14.92 11.77
C ARG A 98 33.88 16.36 12.24
N TYR A 99 33.31 17.26 11.43
CA TYR A 99 33.24 18.67 11.80
C TYR A 99 32.53 18.86 13.13
N TYR A 100 31.48 18.09 13.37
CA TYR A 100 30.69 18.21 14.59
C TYR A 100 31.02 17.16 15.65
N ASN A 101 32.01 16.31 15.43
N ASN A 101 32.01 16.31 15.41
CA ASN A 101 32.39 15.26 16.39
CA ASN A 101 32.40 15.25 16.34
C ASN A 101 31.16 14.44 16.78
C ASN A 101 31.18 14.44 16.75
N GLN A 102 30.46 13.94 15.76
CA GLN A 102 29.27 13.14 15.96
C GLN A 102 29.53 11.67 15.71
N SER A 103 28.72 10.82 16.34
CA SER A 103 28.87 9.39 16.22
C SER A 103 28.23 8.83 14.95
N GLU A 104 28.87 7.82 14.37
CA GLU A 104 28.34 7.17 13.17
C GLU A 104 27.04 6.44 13.46
N ALA A 105 26.73 6.18 14.74
CA ALA A 105 25.52 5.47 15.13
C ALA A 105 24.26 6.32 15.08
N GLY A 106 24.34 7.62 14.90
CA GLY A 106 23.17 8.47 14.85
C GLY A 106 22.84 8.92 13.44
N SER A 107 21.53 9.04 13.16
CA SER A 107 21.07 9.45 11.83
C SER A 107 21.14 10.97 11.66
N HIS A 108 21.55 11.42 10.48
CA HIS A 108 21.64 12.83 10.19
C HIS A 108 21.08 13.09 8.80
N THR A 109 20.76 14.36 8.55
CA THR A 109 20.15 14.79 7.31
C THR A 109 20.91 15.95 6.69
N LEU A 110 21.08 15.88 5.36
CA LEU A 110 21.77 16.90 4.59
C LEU A 110 20.84 17.33 3.46
N GLN A 111 20.49 18.62 3.41
CA GLN A 111 19.59 19.11 2.37
C GLN A 111 20.24 20.25 1.60
N ASN A 112 19.86 20.35 0.33
N ASN A 112 19.87 20.37 0.33
CA ASN A 112 20.38 21.39 -0.57
CA ASN A 112 20.38 21.44 -0.51
C ASN A 112 19.29 21.74 -1.57
C ASN A 112 19.36 21.73 -1.60
N MET A 113 19.19 23.01 -1.88
CA MET A 113 18.24 23.51 -2.88
C MET A 113 19.01 24.53 -3.68
N TYR A 114 18.75 24.57 -4.99
CA TYR A 114 19.41 25.55 -5.85
C TYR A 114 18.45 25.82 -7.01
N GLY A 115 18.54 27.01 -7.58
CA GLY A 115 17.66 27.33 -8.68
C GLY A 115 17.80 28.78 -9.11
N CYS A 116 16.85 29.19 -9.94
CA CYS A 116 16.86 30.55 -10.47
C CYS A 116 15.43 31.06 -10.66
N ASP A 117 15.32 32.39 -10.68
CA ASP A 117 14.07 33.10 -10.91
C ASP A 117 14.28 33.95 -12.16
N VAL A 118 13.28 34.00 -13.03
CA VAL A 118 13.35 34.81 -14.23
C VAL A 118 12.14 35.73 -14.25
N GLY A 119 12.34 36.95 -14.74
CA GLY A 119 11.26 37.90 -14.83
C GLY A 119 10.52 37.71 -16.12
N PRO A 120 9.54 38.58 -16.39
CA PRO A 120 8.78 38.45 -17.64
C PRO A 120 9.66 38.54 -18.87
N ASP A 121 10.73 39.33 -18.82
CA ASP A 121 11.63 39.47 -19.95
C ASP A 121 12.48 38.23 -20.21
N GLY A 122 12.32 37.18 -19.39
CA GLY A 122 13.09 35.97 -19.55
C GLY A 122 14.49 36.02 -19.00
N ARG A 123 14.89 37.15 -18.43
CA ARG A 123 16.24 37.31 -17.88
C ARG A 123 16.25 36.97 -16.39
N LEU A 124 17.42 36.58 -15.89
CA LEU A 124 17.60 36.19 -14.50
C LEU A 124 17.27 37.31 -13.52
N LEU A 125 16.52 36.96 -12.49
CA LEU A 125 16.15 37.88 -11.41
C LEU A 125 16.93 37.62 -10.14
N ARG A 126 17.16 36.35 -9.81
CA ARG A 126 17.89 35.95 -8.62
C ARG A 126 18.20 34.47 -8.72
N GLY A 127 19.37 34.09 -8.19
CA GLY A 127 19.82 32.71 -8.15
C GLY A 127 19.89 32.25 -6.71
N TYR A 128 19.91 30.94 -6.49
CA TYR A 128 19.93 30.38 -5.16
C TYR A 128 20.76 29.11 -5.12
N HIS A 129 21.37 28.86 -3.97
CA HIS A 129 22.16 27.68 -3.67
C HIS A 129 22.33 27.70 -2.16
N GLN A 130 21.70 26.76 -1.44
CA GLN A 130 21.84 26.78 0.00
C GLN A 130 21.74 25.36 0.55
N HIS A 131 22.46 25.13 1.65
CA HIS A 131 22.55 23.85 2.33
C HIS A 131 22.05 23.97 3.75
N ALA A 132 21.56 22.84 4.27
CA ALA A 132 21.11 22.73 5.65
C ALA A 132 21.55 21.38 6.20
N TYR A 133 21.95 21.37 7.47
CA TYR A 133 22.38 20.16 8.15
C TYR A 133 21.47 19.99 9.34
N ASP A 134 20.88 18.80 9.46
CA ASP A 134 19.94 18.47 10.51
C ASP A 134 18.83 19.52 10.64
N GLY A 135 18.32 19.95 9.48
CA GLY A 135 17.22 20.91 9.44
C GLY A 135 17.56 22.36 9.73
N LYS A 136 18.85 22.70 9.88
CA LYS A 136 19.22 24.08 10.15
C LYS A 136 20.18 24.60 9.09
N ASP A 137 20.10 25.91 8.85
CA ASP A 137 20.96 26.55 7.87
C ASP A 137 22.42 26.17 8.10
N TYR A 138 23.10 25.80 7.03
CA TYR A 138 24.52 25.46 7.12
C TYR A 138 25.31 26.52 6.36
N ILE A 139 25.20 26.57 5.04
CA ILE A 139 25.90 27.56 4.23
C ILE A 139 25.02 27.89 3.05
N ALA A 140 25.01 29.17 2.64
CA ALA A 140 24.18 29.61 1.54
C ALA A 140 24.93 30.61 0.68
N LEU A 141 24.64 30.57 -0.61
CA LEU A 141 25.24 31.49 -1.57
C LEU A 141 24.52 32.82 -1.44
N ASN A 142 25.26 33.92 -1.41
CA ASN A 142 24.61 35.21 -1.27
C ASN A 142 23.95 35.63 -2.59
N GLU A 143 23.09 36.66 -2.50
CA GLU A 143 22.38 37.15 -3.68
C GLU A 143 23.33 37.55 -4.79
N ASP A 144 24.54 37.98 -4.45
CA ASP A 144 25.51 38.35 -5.49
C ASP A 144 25.98 37.15 -6.28
N LEU A 145 25.62 35.93 -5.87
CA LEU A 145 26.05 34.69 -6.54
C LEU A 145 27.56 34.59 -6.58
N SER A 146 28.24 35.23 -5.63
CA SER A 146 29.70 35.23 -5.60
C SER A 146 30.31 35.14 -4.22
N SER A 147 29.56 35.36 -3.14
CA SER A 147 30.08 35.29 -1.78
C SER A 147 29.21 34.32 -0.99
N TRP A 148 29.70 33.89 0.17
CA TRP A 148 29.02 32.94 1.02
C TRP A 148 28.66 33.48 2.40
N THR A 149 27.64 32.87 3.00
CA THR A 149 27.19 33.17 4.35
C THR A 149 27.18 31.84 5.10
N ALA A 150 28.07 31.69 6.08
CA ALA A 150 28.19 30.48 6.88
C ALA A 150 27.44 30.68 8.19
N ALA A 151 26.70 29.64 8.60
CA ALA A 151 25.90 29.75 9.81
C ALA A 151 26.66 29.47 11.10
N ASP A 152 27.77 28.73 11.05
CA ASP A 152 28.51 28.44 12.28
C ASP A 152 29.97 28.21 11.93
N THR A 153 30.76 27.82 12.93
N THR A 153 30.74 27.80 12.93
CA THR A 153 32.19 27.59 12.69
CA THR A 153 32.17 27.55 12.76
C THR A 153 32.45 26.40 11.78
C THR A 153 32.44 26.40 11.80
N ALA A 154 31.61 25.35 11.86
CA ALA A 154 31.82 24.20 10.97
C ALA A 154 31.63 24.63 9.52
N ALA A 155 30.55 25.36 9.25
CA ALA A 155 30.31 25.84 7.89
C ALA A 155 31.40 26.80 7.44
N GLN A 156 32.12 27.40 8.39
CA GLN A 156 33.22 28.30 8.02
C GLN A 156 34.36 27.49 7.40
N ILE A 157 34.47 26.22 7.77
CA ILE A 157 35.49 25.36 7.19
C ILE A 157 35.15 25.07 5.73
N THR A 158 33.87 24.78 5.48
CA THR A 158 33.41 24.56 4.10
C THR A 158 33.62 25.81 3.26
N GLN A 159 33.25 26.97 3.81
CA GLN A 159 33.38 28.25 3.09
C GLN A 159 34.80 28.47 2.59
N ARG A 160 35.79 28.33 3.47
CA ARG A 160 37.17 28.51 3.02
C ARG A 160 37.49 27.53 1.90
N LYS A 161 37.07 26.26 2.06
CA LYS A 161 37.32 25.27 1.02
C LYS A 161 36.66 25.66 -0.29
N TRP A 162 35.40 26.13 -0.23
CA TRP A 162 34.69 26.52 -1.44
C TRP A 162 35.27 27.79 -2.04
N GLU A 163 35.74 28.72 -1.21
CA GLU A 163 36.35 29.93 -1.75
C GLU A 163 37.64 29.57 -2.48
N ALA A 164 38.45 28.70 -1.87
CA ALA A 164 39.70 28.30 -2.49
C ALA A 164 39.46 27.55 -3.80
N ALA A 165 38.35 26.81 -3.90
CA ALA A 165 38.06 26.04 -5.09
C ALA A 165 37.22 26.78 -6.13
N ARG A 166 36.98 28.09 -5.94
CA ARG A 166 36.22 28.91 -6.89
C ARG A 166 34.84 28.32 -7.18
N VAL A 167 34.18 27.83 -6.14
CA VAL A 167 32.86 27.22 -6.29
C VAL A 167 31.81 28.24 -6.68
N ALA A 168 31.87 29.45 -6.10
CA ALA A 168 30.86 30.46 -6.39
C ALA A 168 30.82 30.80 -7.87
N GLU A 169 31.98 31.07 -8.47
CA GLU A 169 32.02 31.43 -9.89
C GLU A 169 31.47 30.31 -10.76
N GLN A 170 31.67 29.05 -10.39
CA GLN A 170 31.13 27.95 -11.19
C GLN A 170 29.61 27.89 -11.07
N LEU A 171 29.08 28.05 -9.84
CA LEU A 171 27.64 28.05 -9.66
C LEU A 171 27.01 29.23 -10.39
N ARG A 172 27.61 30.40 -10.26
CA ARG A 172 27.10 31.60 -10.93
C ARG A 172 27.02 31.37 -12.43
N ALA A 173 28.03 30.73 -13.01
CA ALA A 173 27.99 30.44 -14.44
C ALA A 173 26.77 29.58 -14.79
N TYR A 174 26.49 28.56 -13.98
CA TYR A 174 25.33 27.72 -14.25
C TYR A 174 24.04 28.48 -14.01
N LEU A 175 23.96 29.21 -12.89
CA LEU A 175 22.73 29.93 -12.55
C LEU A 175 22.40 31.03 -13.56
N GLU A 176 23.41 31.70 -14.10
N GLU A 176 23.41 31.70 -14.10
CA GLU A 176 23.17 32.77 -15.08
CA GLU A 176 23.19 32.76 -15.07
C GLU A 176 23.02 32.24 -16.51
C GLU A 176 23.04 32.25 -16.50
N GLY A 177 23.41 30.99 -16.76
CA GLY A 177 23.31 30.44 -18.08
C GLY A 177 22.32 29.31 -18.28
N GLU A 178 22.78 28.07 -18.05
CA GLU A 178 21.92 26.91 -18.25
C GLU A 178 20.62 26.98 -17.44
N CYS A 179 20.70 27.40 -16.17
CA CYS A 179 19.49 27.46 -15.35
C CYS A 179 18.39 28.28 -16.03
N VAL A 180 18.74 29.49 -16.46
CA VAL A 180 17.77 30.36 -17.11
C VAL A 180 17.38 29.82 -18.48
N GLU A 181 18.37 29.38 -19.27
CA GLU A 181 18.08 28.88 -20.62
C GLU A 181 17.16 27.66 -20.59
N TRP A 182 17.41 26.71 -19.68
CA TRP A 182 16.55 25.54 -19.64
C TRP A 182 15.20 25.85 -19.02
N LEU A 183 15.13 26.80 -18.09
CA LEU A 183 13.84 27.19 -17.56
C LEU A 183 12.98 27.76 -18.68
N ARG A 184 13.58 28.59 -19.54
CA ARG A 184 12.83 29.15 -20.66
C ARG A 184 12.35 28.06 -21.60
N ARG A 185 13.17 27.02 -21.80
CA ARG A 185 12.79 25.91 -22.65
C ARG A 185 11.58 25.17 -22.08
N TYR A 186 11.60 24.87 -20.78
CA TYR A 186 10.47 24.16 -20.18
C TYR A 186 9.21 25.01 -20.22
N LEU A 187 9.35 26.32 -20.00
CA LEU A 187 8.20 27.22 -20.00
C LEU A 187 7.51 27.24 -21.35
N GLU A 188 8.28 27.14 -22.42
CA GLU A 188 7.67 27.13 -23.75
C GLU A 188 6.99 25.79 -24.01
N ASN A 189 7.68 24.69 -23.70
CA ASN A 189 7.10 23.37 -23.92
C ASN A 189 5.86 23.16 -23.06
N GLY A 190 5.87 23.69 -21.83
CA GLY A 190 4.71 23.53 -20.97
C GLY A 190 3.83 24.76 -20.93
N LYS A 191 3.98 25.62 -21.93
CA LYS A 191 3.22 26.86 -22.02
C LYS A 191 1.74 26.71 -21.69
N GLU A 192 1.09 25.70 -22.29
N GLU A 192 1.08 25.72 -22.30
CA GLU A 192 -0.33 25.44 -22.10
CA GLU A 192 -0.36 25.50 -22.10
C GLU A 192 -0.74 25.27 -20.65
C GLU A 192 -0.74 25.37 -20.63
N THR A 193 0.18 24.97 -19.76
CA THR A 193 -0.14 24.80 -18.36
C THR A 193 0.68 25.68 -17.42
N LEU A 194 1.98 25.81 -17.68
CA LEU A 194 2.83 26.60 -16.79
C LEU A 194 2.56 28.10 -16.90
N GLN A 195 2.18 28.59 -18.08
CA GLN A 195 1.93 30.01 -18.26
C GLN A 195 0.44 30.34 -18.16
N ARG A 196 -0.34 29.41 -17.62
CA ARG A 196 -1.78 29.57 -17.43
C ARG A 196 -2.07 29.54 -15.94
N ALA A 197 -2.77 30.57 -15.46
CA ALA A 197 -3.15 30.67 -14.06
C ALA A 197 -4.57 30.14 -13.95
N ASP A 198 -4.77 29.15 -13.08
CA ASP A 198 -6.08 28.55 -12.88
C ASP A 198 -6.76 29.28 -11.73
N PRO A 199 -7.81 30.08 -11.97
CA PRO A 199 -8.44 30.81 -10.87
C PRO A 199 -9.11 29.85 -9.90
N PRO A 200 -9.24 30.23 -8.64
CA PRO A 200 -9.89 29.35 -7.67
C PRO A 200 -11.40 29.41 -7.77
N LYS A 201 -12.01 28.27 -7.49
CA LYS A 201 -13.46 28.15 -7.42
C LYS A 201 -13.76 28.47 -5.97
N THR A 202 -14.65 29.43 -5.74
CA THR A 202 -14.91 29.88 -4.38
C THR A 202 -16.36 29.76 -3.96
N HIS A 203 -16.53 29.60 -2.65
CA HIS A 203 -17.85 29.53 -2.02
C HIS A 203 -17.65 29.64 -0.52
N VAL A 204 -18.75 29.98 0.16
CA VAL A 204 -18.78 30.15 1.59
C VAL A 204 -19.75 29.13 2.17
N THR A 205 -19.32 28.43 3.22
CA THR A 205 -20.14 27.45 3.90
C THR A 205 -20.41 27.94 5.32
N HIS A 206 -21.52 27.45 5.87
CA HIS A 206 -22.02 27.83 7.21
C HIS A 206 -22.19 26.58 8.05
N HIS A 207 -21.59 26.58 9.24
CA HIS A 207 -21.65 25.43 10.15
C HIS A 207 -21.96 25.87 11.58
N PRO A 208 -23.21 25.70 12.02
CA PRO A 208 -23.56 26.07 13.40
C PRO A 208 -22.70 25.32 14.40
N ILE A 209 -22.29 26.04 15.44
CA ILE A 209 -21.47 25.49 16.52
C ILE A 209 -22.39 25.23 17.70
N SER A 210 -23.43 26.06 17.80
CA SER A 210 -24.43 25.99 18.85
C SER A 210 -25.62 26.81 18.37
N ASP A 211 -26.53 27.13 19.28
CA ASP A 211 -27.67 27.95 18.89
C ASP A 211 -27.32 29.43 18.89
N HIS A 212 -26.09 29.79 19.26
CA HIS A 212 -25.67 31.18 19.33
C HIS A 212 -24.44 31.52 18.51
N GLU A 213 -23.73 30.54 17.98
CA GLU A 213 -22.52 30.81 17.20
C GLU A 213 -22.48 29.89 15.98
N ALA A 214 -21.77 30.35 14.96
CA ALA A 214 -21.64 29.56 13.74
C ALA A 214 -20.30 29.87 13.09
N THR A 215 -19.79 28.88 12.38
CA THR A 215 -18.53 29.01 11.67
C THR A 215 -18.80 29.31 10.21
N LEU A 216 -18.21 30.40 9.71
CA LEU A 216 -18.27 30.79 8.32
C LEU A 216 -16.93 30.37 7.72
N ARG A 217 -16.96 29.53 6.69
CA ARG A 217 -15.74 29.03 6.05
C ARG A 217 -15.71 29.45 4.59
N CYS A 218 -14.64 30.13 4.20
CA CYS A 218 -14.47 30.60 2.84
C CYS A 218 -13.51 29.66 2.13
N TRP A 219 -13.95 29.08 1.01
CA TRP A 219 -13.15 28.12 0.27
C TRP A 219 -12.62 28.65 -1.05
N ALA A 220 -11.41 28.18 -1.39
CA ALA A 220 -10.71 28.46 -2.64
C ALA A 220 -10.21 27.09 -3.09
N LEU A 221 -10.71 26.58 -4.22
CA LEU A 221 -10.35 25.26 -4.66
C LEU A 221 -9.88 25.23 -6.12
N GLY A 222 -9.05 24.23 -6.41
CA GLY A 222 -8.53 24.02 -7.76
C GLY A 222 -7.81 25.18 -8.38
N PHE A 223 -6.97 25.89 -7.62
CA PHE A 223 -6.27 27.04 -8.16
C PHE A 223 -4.79 26.74 -8.36
N TYR A 224 -4.16 27.54 -9.23
CA TYR A 224 -2.74 27.44 -9.56
C TYR A 224 -2.29 28.79 -10.10
N PRO A 225 -1.13 29.32 -9.67
CA PRO A 225 -0.20 28.75 -8.70
C PRO A 225 -0.74 28.76 -7.26
N ALA A 226 0.09 28.32 -6.32
CA ALA A 226 -0.32 28.20 -4.91
C ALA A 226 -0.51 29.54 -4.22
N GLU A 227 0.16 30.60 -4.66
CA GLU A 227 0.03 31.89 -3.99
C GLU A 227 -1.40 32.40 -4.04
N ILE A 228 -1.92 32.83 -2.88
CA ILE A 228 -3.28 33.32 -2.78
C ILE A 228 -3.45 33.99 -1.42
N THR A 229 -4.44 34.88 -1.31
N THR A 229 -4.44 34.87 -1.32
CA THR A 229 -4.72 35.56 -0.05
CA THR A 229 -4.75 35.57 -0.07
C THR A 229 -6.23 35.53 0.20
C THR A 229 -6.24 35.51 0.19
N LEU A 230 -6.61 35.00 1.37
CA LEU A 230 -8.01 34.90 1.79
C LEU A 230 -8.17 35.71 3.06
N THR A 231 -9.12 36.65 3.06
CA THR A 231 -9.36 37.45 4.24
C THR A 231 -10.85 37.51 4.52
N TRP A 232 -11.17 37.62 5.80
CA TRP A 232 -12.53 37.76 6.27
C TRP A 232 -12.68 39.17 6.82
N GLN A 233 -13.78 39.82 6.50
CA GLN A 233 -14.02 41.16 6.99
C GLN A 233 -15.42 41.25 7.55
N ARG A 234 -15.57 42.05 8.61
N ARG A 234 -15.58 42.04 8.61
CA ARG A 234 -16.85 42.30 9.27
CA ARG A 234 -16.86 42.29 9.25
C ARG A 234 -17.11 43.79 9.12
C ARG A 234 -17.11 43.78 9.11
N ASP A 235 -18.14 44.15 8.36
CA ASP A 235 -18.47 45.55 8.10
C ASP A 235 -17.29 46.26 7.43
N GLY A 236 -16.49 45.48 6.70
CA GLY A 236 -15.33 46.01 6.00
C GLY A 236 -14.05 46.06 6.81
N GLU A 237 -14.04 45.52 8.02
CA GLU A 237 -12.86 45.53 8.88
C GLU A 237 -12.20 44.16 8.87
N ASP A 238 -10.89 44.13 8.60
CA ASP A 238 -10.16 42.88 8.57
C ASP A 238 -10.23 42.19 9.93
N GLN A 239 -10.51 40.89 9.91
CA GLN A 239 -10.64 40.08 11.11
C GLN A 239 -9.55 39.00 11.15
N THR A 240 -8.36 39.33 10.64
CA THR A 240 -7.27 38.35 10.61
C THR A 240 -6.92 37.83 12.01
N GLN A 241 -7.07 38.67 13.05
CA GLN A 241 -6.75 38.22 14.40
C GLN A 241 -7.62 37.04 14.81
N ASP A 242 -8.90 37.05 14.46
CA ASP A 242 -9.83 36.00 14.82
C ASP A 242 -10.09 35.02 13.66
N THR A 243 -9.26 35.05 12.62
CA THR A 243 -9.44 34.17 11.48
C THR A 243 -8.53 32.96 11.54
N GLU A 244 -9.11 31.79 11.32
CA GLU A 244 -8.35 30.54 11.27
C GLU A 244 -8.02 30.30 9.80
N LEU A 245 -6.74 30.25 9.49
N LEU A 245 -6.74 30.25 9.48
CA LEU A 245 -6.25 30.03 8.13
CA LEU A 245 -6.28 30.06 8.11
C LEU A 245 -5.45 28.75 8.07
C LEU A 245 -5.43 28.80 8.04
N VAL A 246 -5.85 27.82 7.23
CA VAL A 246 -5.12 26.57 7.08
C VAL A 246 -4.06 26.76 6.01
N GLU A 247 -2.98 25.98 6.13
CA GLU A 247 -1.91 26.04 5.15
C GLU A 247 -2.42 25.62 3.78
N THR A 248 -1.95 26.31 2.75
CA THR A 248 -2.33 25.95 1.38
C THR A 248 -1.93 24.51 1.13
N ARG A 249 -2.87 23.72 0.63
CA ARG A 249 -2.62 22.30 0.45
C ARG A 249 -2.83 21.83 -0.98
N PRO A 250 -2.14 20.76 -1.37
CA PRO A 250 -2.31 20.22 -2.73
C PRO A 250 -3.55 19.35 -2.86
N ALA A 251 -4.25 19.49 -3.98
CA ALA A 251 -5.43 18.67 -4.21
C ALA A 251 -5.05 17.29 -4.74
N GLY A 252 -3.84 17.15 -5.25
CA GLY A 252 -3.37 15.90 -5.82
C GLY A 252 -3.45 15.87 -7.33
N ASP A 253 -4.01 16.91 -7.95
CA ASP A 253 -4.16 17.02 -9.39
C ASP A 253 -3.35 18.17 -9.97
N ARG A 254 -2.38 18.69 -9.20
CA ARG A 254 -1.45 19.79 -9.50
C ARG A 254 -2.01 21.15 -9.05
N THR A 255 -3.28 21.23 -8.66
CA THR A 255 -3.87 22.47 -8.17
C THR A 255 -3.90 22.44 -6.65
N PHE A 256 -4.23 23.58 -6.05
CA PHE A 256 -4.24 23.69 -4.60
C PHE A 256 -5.59 24.12 -4.05
N GLN A 257 -5.68 24.00 -2.72
CA GLN A 257 -6.86 24.35 -1.94
C GLN A 257 -6.44 25.13 -0.71
N LYS A 258 -7.37 25.92 -0.21
CA LYS A 258 -7.15 26.71 0.99
C LYS A 258 -8.49 27.21 1.51
N TRP A 259 -8.56 27.40 2.83
CA TRP A 259 -9.79 27.94 3.38
C TRP A 259 -9.44 28.79 4.60
N ALA A 260 -10.34 29.73 4.89
CA ALA A 260 -10.26 30.66 5.99
C ALA A 260 -11.60 30.62 6.72
N ALA A 261 -11.57 30.58 8.05
CA ALA A 261 -12.82 30.50 8.81
C ALA A 261 -12.82 31.42 10.01
N VAL A 262 -14.03 31.86 10.37
CA VAL A 262 -14.25 32.74 11.51
C VAL A 262 -15.52 32.31 12.23
N VAL A 263 -15.51 32.43 13.55
CA VAL A 263 -16.66 32.12 14.39
C VAL A 263 -17.39 33.42 14.62
N VAL A 264 -18.68 33.46 14.31
CA VAL A 264 -19.42 34.70 14.47
C VAL A 264 -20.67 34.50 15.31
N PRO A 265 -21.17 35.53 15.98
CA PRO A 265 -22.41 35.37 16.75
C PRO A 265 -23.57 35.18 15.78
N SER A 266 -24.43 34.22 16.10
CA SER A 266 -25.59 33.93 15.26
C SER A 266 -26.39 35.20 15.00
N GLY A 267 -26.69 35.45 13.72
CA GLY A 267 -27.42 36.63 13.32
C GLY A 267 -26.54 37.70 12.68
N GLU A 268 -25.22 37.58 12.79
CA GLU A 268 -24.30 38.56 12.21
C GLU A 268 -23.70 38.12 10.88
N GLU A 269 -23.96 36.88 10.45
CA GLU A 269 -23.40 36.30 9.23
C GLU A 269 -23.37 37.19 7.99
N GLN A 270 -24.42 37.96 7.70
CA GLN A 270 -24.45 38.79 6.50
C GLN A 270 -23.56 40.02 6.60
N ARG A 271 -22.96 40.30 7.76
CA ARG A 271 -22.05 41.41 7.88
C ARG A 271 -20.63 41.01 7.51
N TYR A 272 -20.38 39.71 7.37
CA TYR A 272 -19.07 39.17 7.05
C TYR A 272 -18.92 38.88 5.56
N THR A 273 -17.78 39.29 4.99
CA THR A 273 -17.50 39.05 3.58
C THR A 273 -16.10 38.47 3.48
N CYS A 274 -15.93 37.53 2.56
CA CYS A 274 -14.64 36.90 2.31
C CYS A 274 -14.03 37.55 1.09
N HIS A 275 -12.74 37.87 1.16
CA HIS A 275 -12.03 38.52 0.07
C HIS A 275 -10.96 37.57 -0.44
N VAL A 276 -10.96 37.34 -1.76
CA VAL A 276 -10.04 36.41 -2.39
C VAL A 276 -9.19 37.15 -3.41
N GLN A 277 -7.88 36.92 -3.36
CA GLN A 277 -6.95 37.52 -4.31
C GLN A 277 -6.09 36.39 -4.85
N HIS A 278 -6.06 36.25 -6.16
CA HIS A 278 -5.28 35.24 -6.84
C HIS A 278 -4.94 35.78 -8.22
N GLU A 279 -3.75 35.44 -8.72
CA GLU A 279 -3.34 35.97 -10.02
C GLU A 279 -4.24 35.50 -11.16
N GLY A 280 -5.02 34.46 -10.95
CA GLY A 280 -5.93 33.98 -11.98
C GLY A 280 -7.24 34.72 -12.06
N LEU A 281 -7.48 35.67 -11.13
CA LEU A 281 -8.69 36.49 -11.03
C LEU A 281 -8.43 37.89 -11.57
N PRO A 282 -9.28 38.40 -12.46
CA PRO A 282 -9.05 39.76 -12.98
C PRO A 282 -9.11 40.83 -11.90
N LYS A 283 -9.99 40.66 -10.94
CA LYS A 283 -10.17 41.59 -9.83
C LYS A 283 -10.37 40.78 -8.56
N PRO A 284 -10.12 41.37 -7.39
CA PRO A 284 -10.33 40.63 -6.15
C PRO A 284 -11.81 40.29 -6.00
N LEU A 285 -12.08 39.10 -5.48
CA LEU A 285 -13.45 38.63 -5.30
C LEU A 285 -13.94 38.88 -3.88
N THR A 286 -15.22 39.24 -3.77
CA THR A 286 -15.89 39.46 -2.49
C THR A 286 -17.04 38.48 -2.42
N LEU A 287 -17.09 37.68 -1.37
CA LEU A 287 -18.13 36.68 -1.23
C LEU A 287 -18.73 36.69 0.16
N ARG A 288 -19.99 36.26 0.23
N ARG A 288 -19.99 36.26 0.23
CA ARG A 288 -20.71 36.18 1.48
CA ARG A 288 -20.72 36.18 1.47
C ARG A 288 -21.54 34.91 1.45
C ARG A 288 -21.54 34.91 1.45
N TRP A 289 -22.00 34.50 2.63
CA TRP A 289 -22.80 33.30 2.73
C TRP A 289 -24.13 33.50 2.01
N GLU A 290 -24.44 32.61 1.08
CA GLU A 290 -25.68 32.66 0.33
C GLU A 290 -26.41 31.39 0.71
N PRO A 291 -27.35 31.46 1.65
CA PRO A 291 -28.09 30.28 2.13
C PRO A 291 -29.00 29.72 1.06
N ILE B 2 17.56 19.74 15.10
CA ILE B 2 16.24 20.17 15.57
C ILE B 2 15.15 19.26 15.03
N GLN B 3 14.11 19.05 15.82
CA GLN B 3 12.98 18.24 15.41
C GLN B 3 11.71 19.09 15.48
N ARG B 4 10.84 18.92 14.50
N ARG B 4 10.84 18.91 14.50
CA ARG B 4 9.60 19.67 14.41
CA ARG B 4 9.59 19.65 14.39
C ARG B 4 8.44 18.71 14.17
C ARG B 4 8.45 18.67 14.18
N THR B 5 7.34 18.92 14.91
N THR B 5 7.33 18.93 14.89
CA THR B 5 6.18 18.03 14.78
CA THR B 5 6.14 18.08 14.82
C THR B 5 5.41 18.33 13.51
C THR B 5 5.36 18.35 13.54
N PRO B 6 4.82 17.32 12.89
CA PRO B 6 4.09 17.54 11.65
C PRO B 6 2.69 18.11 11.85
N LYS B 7 2.31 18.93 10.88
CA LYS B 7 0.97 19.47 10.79
C LYS B 7 0.24 18.41 9.98
N ILE B 8 -1.05 18.24 10.20
CA ILE B 8 -1.79 17.20 9.50
C ILE B 8 -3.12 17.72 9.01
N GLN B 9 -3.41 17.52 7.73
CA GLN B 9 -4.68 17.91 7.13
C GLN B 9 -5.19 16.71 6.35
N VAL B 10 -6.44 16.33 6.59
CA VAL B 10 -7.08 15.21 5.90
C VAL B 10 -8.30 15.80 5.21
N TYR B 11 -8.41 15.57 3.90
CA TYR B 11 -9.47 16.19 3.12
C TYR B 11 -9.63 15.42 1.81
N SER B 12 -10.70 15.73 1.09
CA SER B 12 -10.91 15.08 -0.19
C SER B 12 -10.46 16.00 -1.32
N ARG B 13 -10.11 15.39 -2.46
CA ARG B 13 -9.70 16.21 -3.59
C ARG B 13 -10.86 17.06 -4.11
N HIS B 14 -12.06 16.51 -4.08
CA HIS B 14 -13.25 17.21 -4.54
C HIS B 14 -14.28 17.21 -3.43
N PRO B 15 -15.24 18.15 -3.47
CA PRO B 15 -16.28 18.16 -2.43
C PRO B 15 -16.93 16.80 -2.37
N ALA B 16 -17.07 16.28 -1.16
CA ALA B 16 -17.62 14.95 -0.99
C ALA B 16 -19.08 14.86 -1.42
N GLU B 17 -19.39 13.81 -2.19
CA GLU B 17 -20.73 13.47 -2.65
C GLU B 17 -20.87 11.98 -2.40
N ASN B 18 -21.76 11.60 -1.49
CA ASN B 18 -21.93 10.19 -1.14
C ASN B 18 -22.22 9.34 -2.37
N GLY B 19 -21.50 8.24 -2.50
CA GLY B 19 -21.66 7.33 -3.61
C GLY B 19 -20.83 7.64 -4.84
N LYS B 20 -20.11 8.76 -4.88
CA LYS B 20 -19.31 9.15 -6.03
C LYS B 20 -17.82 9.06 -5.71
N SER B 21 -17.05 8.43 -6.61
CA SER B 21 -15.61 8.27 -6.42
C SER B 21 -14.92 9.62 -6.25
N ASN B 22 -13.90 9.63 -5.39
CA ASN B 22 -13.16 10.82 -5.05
C ASN B 22 -11.77 10.36 -4.62
N PHE B 23 -10.99 11.29 -4.08
CA PHE B 23 -9.66 10.98 -3.56
C PHE B 23 -9.57 11.51 -2.14
N LEU B 24 -9.09 10.67 -1.23
CA LEU B 24 -8.90 11.03 0.18
C LEU B 24 -7.43 11.36 0.36
N ASN B 25 -7.15 12.59 0.80
CA ASN B 25 -5.80 13.08 0.99
C ASN B 25 -5.42 13.27 2.45
N CYS B 26 -4.13 13.13 2.73
CA CYS B 26 -3.58 13.40 4.05
C CYS B 26 -2.27 14.12 3.78
N TYR B 27 -2.27 15.42 4.04
CA TYR B 27 -1.10 16.27 3.84
C TYR B 27 -0.40 16.46 5.19
N VAL B 28 0.86 16.04 5.26
CA VAL B 28 1.69 16.19 6.45
C VAL B 28 2.81 17.16 6.07
N SER B 29 3.03 18.18 6.89
CA SER B 29 4.04 19.17 6.56
C SER B 29 4.69 19.73 7.83
N GLY B 30 5.70 20.59 7.63
CA GLY B 30 6.42 21.23 8.71
C GLY B 30 7.14 20.33 9.68
N PHE B 31 7.49 19.10 9.30
CA PHE B 31 8.15 18.19 10.21
C PHE B 31 9.61 17.98 9.85
N HIS B 32 10.36 17.50 10.85
CA HIS B 32 11.79 17.19 10.80
C HIS B 32 12.11 16.33 12.01
N PRO B 33 12.83 15.20 11.86
CA PRO B 33 13.43 14.60 10.65
C PRO B 33 12.39 14.07 9.66
N SER B 34 12.85 13.60 8.50
CA SER B 34 11.96 13.13 7.45
C SER B 34 11.33 11.76 7.71
N ASP B 35 11.87 10.94 8.59
CA ASP B 35 11.25 9.64 8.84
C ASP B 35 9.83 9.86 9.39
N ILE B 36 8.83 9.34 8.68
CA ILE B 36 7.45 9.49 9.10
C ILE B 36 6.66 8.28 8.61
N GLU B 37 5.62 7.95 9.36
CA GLU B 37 4.74 6.84 9.03
C GLU B 37 3.33 7.40 8.97
N VAL B 38 2.69 7.30 7.81
CA VAL B 38 1.35 7.83 7.61
C VAL B 38 0.44 6.74 7.07
N ASP B 39 -0.76 6.64 7.64
CA ASP B 39 -1.72 5.65 7.20
C ASP B 39 -3.09 6.28 7.09
N LEU B 40 -3.86 5.82 6.11
CA LEU B 40 -5.23 6.25 5.92
C LEU B 40 -6.08 5.13 6.50
N LEU B 41 -7.08 5.48 7.30
CA LEU B 41 -7.93 4.51 7.94
C LEU B 41 -9.37 4.63 7.48
N LYS B 42 -10.02 3.48 7.36
CA LYS B 42 -11.43 3.38 7.00
C LYS B 42 -12.08 2.58 8.11
N ASN B 43 -12.91 3.24 8.92
CA ASN B 43 -13.58 2.60 10.04
C ASN B 43 -12.59 1.94 10.98
N GLY B 44 -11.44 2.61 11.19
CA GLY B 44 -10.40 2.13 12.08
C GLY B 44 -9.44 1.12 11.49
N GLU B 45 -9.60 0.73 10.23
CA GLU B 45 -8.73 -0.24 9.58
C GLU B 45 -7.86 0.43 8.54
N ARG B 46 -6.62 -0.03 8.45
CA ARG B 46 -5.65 0.53 7.51
C ARG B 46 -6.05 0.26 6.07
N ILE B 47 -5.99 1.31 5.25
CA ILE B 47 -6.26 1.20 3.81
C ILE B 47 -4.94 0.80 3.17
N GLU B 48 -4.97 -0.15 2.23
CA GLU B 48 -3.73 -0.61 1.62
C GLU B 48 -3.39 0.05 0.28
N LYS B 49 -4.35 0.58 -0.46
CA LYS B 49 -4.03 1.20 -1.75
C LYS B 49 -3.73 2.69 -1.53
N VAL B 50 -2.61 2.96 -0.86
CA VAL B 50 -2.21 4.33 -0.56
C VAL B 50 -0.86 4.64 -1.21
N GLU B 51 -0.83 5.74 -1.94
CA GLU B 51 0.35 6.26 -2.62
C GLU B 51 0.78 7.54 -1.95
N HIS B 52 1.99 8.00 -2.26
CA HIS B 52 2.46 9.23 -1.65
C HIS B 52 3.45 9.92 -2.57
N SER B 53 3.52 11.24 -2.40
CA SER B 53 4.42 12.06 -3.19
C SER B 53 5.86 11.86 -2.73
N ASP B 54 6.80 12.33 -3.54
CA ASP B 54 8.22 12.23 -3.19
C ASP B 54 8.59 13.36 -2.23
N LEU B 55 9.38 12.99 -1.22
CA LEU B 55 9.81 13.92 -0.19
C LEU B 55 10.37 15.22 -0.76
N SER B 56 9.86 16.34 -0.27
CA SER B 56 10.29 17.67 -0.65
C SER B 56 10.28 18.51 0.61
N PHE B 57 10.71 19.76 0.53
CA PHE B 57 10.72 20.56 1.75
C PHE B 57 10.48 22.03 1.44
N SER B 58 10.10 22.76 2.48
CA SER B 58 9.78 24.17 2.37
C SER B 58 10.99 25.07 2.58
N LYS B 59 10.74 26.39 2.57
N LYS B 59 10.73 26.39 2.57
CA LYS B 59 11.81 27.36 2.72
CA LYS B 59 11.79 27.37 2.74
C LYS B 59 12.53 27.22 4.06
C LYS B 59 12.52 27.21 4.06
N ASP B 60 11.83 26.78 5.12
CA ASP B 60 12.45 26.60 6.42
C ASP B 60 13.07 25.22 6.62
N TRP B 61 13.24 24.46 5.54
CA TRP B 61 13.81 23.12 5.46
C TRP B 61 12.88 22.02 5.98
N SER B 62 11.71 22.36 6.52
CA SER B 62 10.81 21.33 7.01
C SER B 62 10.20 20.56 5.85
N PHE B 63 9.96 19.27 6.06
CA PHE B 63 9.45 18.41 4.99
C PHE B 63 7.92 18.41 4.88
N TYR B 64 7.45 17.94 3.72
CA TYR B 64 6.03 17.81 3.44
C TYR B 64 5.82 16.63 2.50
N LEU B 65 4.70 15.92 2.71
CA LEU B 65 4.34 14.76 1.93
C LEU B 65 2.82 14.69 1.76
N LEU B 66 2.39 14.23 0.60
CA LEU B 66 0.98 14.05 0.33
C LEU B 66 0.73 12.56 0.19
N TYR B 67 -0.16 12.03 1.01
CA TYR B 67 -0.57 10.63 0.98
C TYR B 67 -1.99 10.65 0.43
N TYR B 68 -2.29 9.76 -0.51
CA TYR B 68 -3.62 9.78 -1.11
C TYR B 68 -4.08 8.41 -1.57
N THR B 69 -5.41 8.29 -1.72
CA THR B 69 -6.01 7.05 -2.18
C THR B 69 -7.39 7.34 -2.74
N GLU B 70 -7.82 6.52 -3.69
N GLU B 70 -7.82 6.53 -3.69
CA GLU B 70 -9.14 6.67 -4.28
CA GLU B 70 -9.14 6.68 -4.26
C GLU B 70 -10.17 6.12 -3.30
C GLU B 70 -10.15 6.15 -3.26
N PHE B 71 -11.26 6.87 -3.09
CA PHE B 71 -12.29 6.41 -2.17
C PHE B 71 -13.64 6.93 -2.62
N THR B 72 -14.67 6.27 -2.10
CA THR B 72 -16.06 6.63 -2.39
C THR B 72 -16.74 6.89 -1.05
N PRO B 73 -16.85 8.15 -0.64
CA PRO B 73 -17.46 8.46 0.65
C PRO B 73 -18.93 8.07 0.70
N THR B 74 -19.37 7.75 1.91
CA THR B 74 -20.75 7.38 2.22
C THR B 74 -21.12 8.12 3.50
N GLU B 75 -22.37 8.01 3.93
CA GLU B 75 -22.70 8.71 5.16
C GLU B 75 -22.24 7.93 6.40
N LYS B 76 -22.12 6.61 6.29
CA LYS B 76 -21.74 5.75 7.41
C LYS B 76 -20.23 5.57 7.60
N ASP B 77 -19.47 5.40 6.52
CA ASP B 77 -18.03 5.15 6.64
C ASP B 77 -17.28 6.33 7.24
N GLU B 78 -16.36 6.01 8.16
CA GLU B 78 -15.52 6.99 8.84
C GLU B 78 -14.09 6.86 8.34
N TYR B 79 -13.48 7.98 7.99
CA TYR B 79 -12.12 7.99 7.47
C TYR B 79 -11.20 8.82 8.35
N ALA B 80 -9.92 8.46 8.37
CA ALA B 80 -8.99 9.19 9.20
C ALA B 80 -7.58 9.01 8.68
N CYS B 81 -6.69 9.84 9.21
CA CYS B 81 -5.27 9.77 8.90
C CYS B 81 -4.55 9.56 10.23
N ARG B 82 -3.62 8.60 10.23
N ARG B 82 -3.62 8.60 10.23
CA ARG B 82 -2.83 8.26 11.41
CA ARG B 82 -2.83 8.27 11.42
C ARG B 82 -1.37 8.54 11.09
C ARG B 82 -1.37 8.54 11.09
N VAL B 83 -0.72 9.34 11.94
CA VAL B 83 0.67 9.72 11.72
C VAL B 83 1.52 9.41 12.93
N ASN B 84 2.68 8.81 12.68
CA ASN B 84 3.65 8.53 13.73
C ASN B 84 4.94 9.19 13.30
N HIS B 85 5.55 9.91 14.23
CA HIS B 85 6.78 10.65 14.02
C HIS B 85 7.54 10.61 15.33
N VAL B 86 8.87 10.76 15.26
CA VAL B 86 9.67 10.71 16.48
C VAL B 86 9.23 11.75 17.50
N THR B 87 8.60 12.84 17.05
CA THR B 87 8.14 13.87 17.97
C THR B 87 6.82 13.53 18.66
N LEU B 88 6.20 12.40 18.33
CA LEU B 88 4.91 12.02 18.91
C LEU B 88 5.08 10.78 19.78
N SER B 89 4.67 10.88 21.04
CA SER B 89 4.77 9.73 21.94
C SER B 89 3.81 8.63 21.54
N GLN B 90 2.76 8.94 20.77
CA GLN B 90 1.78 7.97 20.33
C GLN B 90 1.29 8.41 18.95
N PRO B 91 0.83 7.49 18.12
CA PRO B 91 0.33 7.90 16.81
C PRO B 91 -0.79 8.92 16.98
N LYS B 92 -0.86 9.88 16.08
CA LYS B 92 -1.87 10.94 16.12
C LYS B 92 -2.90 10.64 15.04
N ILE B 93 -4.17 10.61 15.42
CA ILE B 93 -5.26 10.30 14.51
C ILE B 93 -6.13 11.52 14.30
N VAL B 94 -6.25 11.95 13.04
CA VAL B 94 -7.07 13.08 12.65
C VAL B 94 -8.21 12.52 11.81
N LYS B 95 -9.43 12.70 12.28
CA LYS B 95 -10.59 12.19 11.56
C LYS B 95 -10.91 13.07 10.36
N TRP B 96 -11.43 12.45 9.30
CA TRP B 96 -11.80 13.19 8.11
C TRP B 96 -13.15 13.87 8.34
N ASP B 97 -13.20 15.17 8.06
CA ASP B 97 -14.40 16.00 8.18
C ASP B 97 -14.63 16.56 6.78
N ARG B 98 -15.75 16.18 6.14
CA ARG B 98 -16.00 16.65 4.79
C ARG B 98 -16.20 18.16 4.71
N ASP B 99 -16.32 18.84 5.85
CA ASP B 99 -16.50 20.29 5.88
C ASP B 99 -15.19 21.02 6.14
N MET B 100 -14.06 20.32 6.04
CA MET B 100 -12.74 20.92 6.28
C MET B 100 -11.71 20.46 5.25
N ARG C 1 17.44 21.70 -16.57
CA ARG C 1 18.29 20.56 -16.29
C ARG C 1 19.24 20.92 -15.15
N ARG C 2 19.76 19.90 -14.51
CA ARG C 2 20.61 20.03 -13.34
C ARG C 2 22.05 20.40 -13.67
N LYS C 3 22.75 20.83 -12.62
N LYS C 3 22.75 20.83 -12.63
CA LYS C 3 24.17 21.22 -12.66
CA LYS C 3 24.16 21.18 -12.72
C LYS C 3 25.02 20.05 -12.18
C LYS C 3 24.98 19.97 -12.29
N TRP C 4 26.23 19.96 -12.71
CA TRP C 4 27.15 18.87 -12.36
C TRP C 4 27.86 19.14 -11.02
N ARG C 5 27.95 18.09 -10.19
CA ARG C 5 28.63 18.16 -8.89
C ARG C 5 29.33 16.81 -8.68
N ARG C 6 30.64 16.79 -8.93
CA ARG C 6 31.42 15.56 -8.81
C ARG C 6 32.10 15.41 -7.46
N TRP C 7 32.63 16.48 -6.87
CA TRP C 7 33.27 16.38 -5.54
C TRP C 7 32.74 17.52 -4.68
N LEU C 9 32.33 19.14 1.01
CA LEU C 9 32.03 19.93 2.20
C LEU C 9 33.26 20.05 3.06
N GLY D 16 -10.60 -35.22 -15.32
CA GLY D 16 -10.58 -36.14 -14.20
C GLY D 16 -11.52 -35.74 -13.09
N SER D 17 -11.00 -35.72 -11.86
CA SER D 17 -11.80 -35.34 -10.70
C SER D 17 -11.68 -33.83 -10.50
N HIS D 18 -12.80 -33.15 -10.35
CA HIS D 18 -12.82 -31.71 -10.20
C HIS D 18 -13.75 -31.31 -9.07
N SER D 19 -13.66 -30.04 -8.67
CA SER D 19 -14.50 -29.54 -7.60
C SER D 19 -14.77 -28.06 -7.78
N MET D 20 -15.85 -27.62 -7.14
CA MET D 20 -16.26 -26.22 -7.11
C MET D 20 -16.61 -25.93 -5.67
N ARG D 21 -16.17 -24.78 -5.16
CA ARG D 21 -16.41 -24.42 -3.78
C ARG D 21 -16.59 -22.92 -3.64
N TYR D 22 -17.51 -22.54 -2.76
CA TYR D 22 -17.76 -21.16 -2.41
C TYR D 22 -17.45 -21.04 -0.93
N PHE D 23 -16.60 -20.08 -0.57
CA PHE D 23 -16.18 -19.83 0.80
C PHE D 23 -16.74 -18.49 1.26
N HIS D 24 -17.26 -18.44 2.49
CA HIS D 24 -17.82 -17.20 3.01
C HIS D 24 -17.36 -16.98 4.43
N THR D 25 -17.08 -15.72 4.75
CA THR D 25 -16.67 -15.31 6.09
C THR D 25 -17.31 -13.97 6.44
N SER D 26 -17.97 -13.91 7.60
CA SER D 26 -18.56 -12.69 8.13
C SER D 26 -17.96 -12.51 9.53
N VAL D 27 -17.49 -11.29 9.80
CA VAL D 27 -16.86 -10.96 11.08
C VAL D 27 -17.51 -9.71 11.65
N SER D 28 -18.10 -9.82 12.84
CA SER D 28 -18.72 -8.65 13.42
C SER D 28 -17.65 -7.67 13.87
N ARG D 29 -17.97 -6.39 13.85
CA ARG D 29 -17.04 -5.32 14.20
C ARG D 29 -17.73 -4.33 15.14
N PRO D 30 -18.01 -4.74 16.38
CA PRO D 30 -18.68 -3.84 17.32
C PRO D 30 -17.99 -2.48 17.43
N GLY D 31 -18.80 -1.42 17.42
CA GLY D 31 -18.31 -0.07 17.51
C GLY D 31 -17.58 0.45 16.30
N ARG D 32 -17.49 -0.32 15.21
CA ARG D 32 -16.79 0.12 14.01
C ARG D 32 -17.60 -0.01 12.73
N GLY D 33 -18.85 -0.48 12.79
CA GLY D 33 -19.64 -0.62 11.59
C GLY D 33 -20.24 -2.01 11.46
N GLU D 34 -20.89 -2.24 10.32
N GLU D 34 -20.90 -2.23 10.33
CA GLU D 34 -21.53 -3.51 10.05
CA GLU D 34 -21.54 -3.52 10.07
C GLU D 34 -20.49 -4.60 9.83
C GLU D 34 -20.49 -4.60 9.83
N PRO D 35 -20.88 -5.87 9.95
CA PRO D 35 -19.91 -6.96 9.74
C PRO D 35 -19.29 -6.97 8.36
N ARG D 36 -18.01 -7.31 8.33
CA ARG D 36 -17.25 -7.45 7.10
C ARG D 36 -17.59 -8.82 6.49
N PHE D 37 -18.06 -8.83 5.24
CA PHE D 37 -18.44 -10.05 4.54
C PHE D 37 -17.53 -10.22 3.33
N ILE D 38 -16.86 -11.38 3.25
CA ILE D 38 -15.95 -11.69 2.16
C ILE D 38 -16.22 -13.11 1.67
N THR D 39 -16.48 -13.25 0.37
CA THR D 39 -16.74 -14.55 -0.21
C THR D 39 -15.94 -14.72 -1.49
N VAL D 40 -15.40 -15.92 -1.66
CA VAL D 40 -14.59 -16.26 -2.83
C VAL D 40 -15.04 -17.61 -3.38
N GLY D 41 -14.91 -17.77 -4.69
CA GLY D 41 -15.27 -19.02 -5.35
C GLY D 41 -14.08 -19.65 -6.03
N TYR D 42 -13.99 -20.98 -5.96
CA TYR D 42 -12.90 -21.72 -6.58
C TYR D 42 -13.40 -22.89 -7.41
N VAL D 43 -12.63 -23.20 -8.44
CA VAL D 43 -12.80 -24.37 -9.29
C VAL D 43 -11.45 -25.06 -9.14
N ASP D 44 -11.43 -26.20 -8.44
CA ASP D 44 -10.17 -26.90 -8.15
C ASP D 44 -9.35 -25.92 -7.32
N ASP D 45 -8.09 -25.65 -7.66
CA ASP D 45 -7.27 -24.72 -6.90
C ASP D 45 -7.18 -23.35 -7.58
N THR D 46 -8.12 -23.03 -8.45
CA THR D 46 -8.12 -21.77 -9.17
C THR D 46 -9.21 -20.84 -8.66
N LEU D 47 -8.81 -19.66 -8.19
CA LEU D 47 -9.76 -18.66 -7.72
C LEU D 47 -10.42 -18.01 -8.93
N PHE D 48 -11.76 -17.90 -8.94
CA PHE D 48 -12.41 -17.30 -10.10
C PHE D 48 -13.42 -16.19 -9.80
N VAL D 49 -13.95 -16.04 -8.58
CA VAL D 49 -14.86 -14.96 -8.24
C VAL D 49 -14.61 -14.49 -6.81
N ARG D 50 -14.90 -13.20 -6.56
CA ARG D 50 -14.73 -12.60 -5.24
C ARG D 50 -15.76 -11.50 -5.03
N PHE D 51 -16.17 -11.31 -3.78
CA PHE D 51 -17.10 -10.26 -3.39
C PHE D 51 -16.69 -9.79 -2.00
N ASP D 52 -16.54 -8.48 -1.83
CA ASP D 52 -16.15 -7.90 -0.55
C ASP D 52 -17.15 -6.80 -0.24
N SER D 53 -17.85 -6.92 0.89
CA SER D 53 -18.85 -5.91 1.27
C SER D 53 -18.25 -4.55 1.60
N ASP D 54 -16.94 -4.46 1.86
CA ASP D 54 -16.30 -3.21 2.27
C ASP D 54 -16.11 -2.21 1.12
N ALA D 55 -17.23 -1.81 0.52
CA ALA D 55 -17.19 -0.83 -0.56
C ALA D 55 -18.59 -0.22 -0.69
N ALA D 56 -18.63 0.98 -1.26
CA ALA D 56 -19.89 1.69 -1.43
C ALA D 56 -20.87 0.89 -2.29
N SER D 57 -20.43 0.46 -3.47
CA SER D 57 -21.26 -0.32 -4.38
C SER D 57 -20.53 -1.61 -4.73
N PRO D 58 -20.48 -2.56 -3.79
CA PRO D 58 -19.78 -3.82 -4.06
C PRO D 58 -20.49 -4.67 -5.10
N ARG D 59 -19.70 -5.43 -5.83
CA ARG D 59 -20.20 -6.33 -6.86
C ARG D 59 -19.28 -7.53 -6.88
N GLU D 60 -19.80 -8.66 -7.34
CA GLU D 60 -18.94 -9.81 -7.47
C GLU D 60 -18.10 -9.57 -8.71
N GLU D 61 -16.80 -9.83 -8.59
CA GLU D 61 -15.85 -9.59 -9.66
C GLU D 61 -15.16 -10.89 -10.10
N PRO D 62 -14.77 -10.96 -11.38
CA PRO D 62 -14.07 -12.15 -11.87
C PRO D 62 -12.61 -12.14 -11.42
N ARG D 63 -12.06 -13.35 -11.26
CA ARG D 63 -10.68 -13.53 -10.85
C ARG D 63 -9.95 -14.58 -11.66
N ALA D 64 -10.56 -15.07 -12.74
CA ALA D 64 -9.98 -16.04 -13.63
C ALA D 64 -10.44 -15.57 -15.01
N PRO D 65 -9.59 -15.72 -16.03
CA PRO D 65 -9.99 -15.24 -17.37
C PRO D 65 -11.18 -15.95 -17.97
N TRP D 66 -11.35 -17.25 -17.73
CA TRP D 66 -12.44 -17.99 -18.34
C TRP D 66 -13.84 -17.62 -17.83
N ILE D 67 -13.95 -16.85 -16.73
CA ILE D 67 -15.26 -16.48 -16.22
C ILE D 67 -15.69 -15.08 -16.68
N GLU D 68 -14.75 -14.25 -17.11
N GLU D 68 -14.75 -14.25 -17.11
CA GLU D 68 -15.09 -12.90 -17.55
CA GLU D 68 -15.09 -12.90 -17.55
C GLU D 68 -16.10 -12.90 -18.70
C GLU D 68 -16.12 -12.90 -18.68
N GLN D 69 -16.18 -13.98 -19.47
CA GLN D 69 -17.12 -14.07 -20.58
C GLN D 69 -18.58 -14.15 -20.14
N GLU D 70 -18.85 -14.45 -18.87
CA GLU D 70 -20.25 -14.53 -18.46
C GLU D 70 -20.91 -13.17 -18.64
N GLY D 71 -22.17 -13.18 -19.08
CA GLY D 71 -22.89 -11.95 -19.34
C GLY D 71 -23.32 -11.17 -18.13
N PRO D 72 -23.81 -9.94 -18.36
CA PRO D 72 -24.26 -9.10 -17.23
C PRO D 72 -25.25 -9.78 -16.30
N GLU D 73 -26.19 -10.56 -16.83
CA GLU D 73 -27.15 -11.24 -15.96
C GLU D 73 -26.45 -12.13 -14.94
N TYR D 74 -25.30 -12.70 -15.32
CA TYR D 74 -24.55 -13.55 -14.39
C TYR D 74 -24.06 -12.73 -13.20
N TRP D 75 -23.38 -11.61 -13.49
CA TRP D 75 -22.84 -10.78 -12.43
C TRP D 75 -23.95 -10.12 -11.61
N ASP D 76 -25.08 -9.79 -12.24
CA ASP D 76 -26.19 -9.20 -11.51
C ASP D 76 -26.75 -10.20 -10.50
N ARG D 77 -26.98 -11.44 -10.95
CA ARG D 77 -27.52 -12.45 -10.04
C ARG D 77 -26.52 -12.76 -8.93
N GLU D 78 -25.26 -12.96 -9.31
CA GLU D 78 -24.25 -13.27 -8.30
C GLU D 78 -24.15 -12.16 -7.25
N THR D 79 -24.14 -10.90 -7.70
CA THR D 79 -24.07 -9.78 -6.76
C THR D 79 -25.28 -9.77 -5.84
N GLN D 80 -26.47 -9.99 -6.40
CA GLN D 80 -27.67 -10.03 -5.59
C GLN D 80 -27.56 -11.11 -4.52
N ILE D 81 -27.09 -12.30 -4.90
CA ILE D 81 -26.96 -13.39 -3.94
C ILE D 81 -25.91 -13.04 -2.87
N CYS D 82 -24.79 -12.45 -3.28
CA CYS D 82 -23.76 -12.08 -2.30
C CYS D 82 -24.30 -11.08 -1.29
N LYS D 83 -25.02 -10.05 -1.76
CA LYS D 83 -25.59 -9.07 -0.86
C LYS D 83 -26.60 -9.73 0.08
N ALA D 84 -27.44 -10.61 -0.44
CA ALA D 84 -28.41 -11.29 0.40
C ALA D 84 -27.71 -12.15 1.44
N LYS D 85 -26.62 -12.83 1.04
CA LYS D 85 -25.87 -13.66 1.99
C LYS D 85 -25.27 -12.80 3.09
N ALA D 86 -24.75 -11.62 2.75
CA ALA D 86 -24.19 -10.73 3.77
C ALA D 86 -25.26 -10.33 4.77
N GLN D 87 -26.48 -10.07 4.30
CA GLN D 87 -27.56 -9.68 5.21
C GLN D 87 -27.99 -10.87 6.07
N THR D 88 -28.13 -12.06 5.46
CA THR D 88 -28.51 -13.22 6.26
C THR D 88 -27.44 -13.53 7.29
N ASP D 89 -26.16 -13.31 6.94
CA ASP D 89 -25.08 -13.56 7.89
C ASP D 89 -25.18 -12.60 9.07
N ARG D 90 -25.52 -11.33 8.81
CA ARG D 90 -25.68 -10.38 9.90
C ARG D 90 -26.78 -10.86 10.84
N GLU D 91 -27.88 -11.36 10.27
CA GLU D 91 -28.97 -11.86 11.10
C GLU D 91 -28.55 -13.10 11.87
N ASP D 92 -27.78 -13.98 11.23
CA ASP D 92 -27.33 -15.20 11.88
C ASP D 92 -26.34 -14.91 13.00
N LEU D 93 -25.50 -13.88 12.83
CA LEU D 93 -24.58 -13.52 13.91
C LEU D 93 -25.37 -13.05 15.14
N ARG D 94 -26.46 -12.32 14.94
CA ARG D 94 -27.27 -11.89 16.08
C ARG D 94 -27.91 -13.11 16.73
N THR D 95 -28.38 -14.06 15.92
CA THR D 95 -28.98 -15.27 16.45
C THR D 95 -28.00 -16.02 17.32
N LEU D 96 -26.77 -16.20 16.82
CA LEU D 96 -25.74 -16.91 17.58
C LEU D 96 -25.43 -16.23 18.90
N LEU D 97 -25.47 -14.89 18.95
CA LEU D 97 -25.25 -14.22 20.23
C LEU D 97 -26.29 -14.67 21.24
N ARG D 98 -27.53 -14.88 20.78
CA ARG D 98 -28.58 -15.31 21.70
C ARG D 98 -28.37 -16.76 22.11
N TYR D 99 -28.06 -17.63 21.15
CA TYR D 99 -27.86 -19.06 21.44
C TYR D 99 -26.74 -19.27 22.46
N TYR D 100 -25.67 -18.48 22.38
CA TYR D 100 -24.53 -18.64 23.28
C TYR D 100 -24.47 -17.62 24.42
N ASN D 101 -25.51 -16.78 24.57
N ASN D 101 -25.51 -16.78 24.59
CA ASN D 101 -25.58 -15.76 25.62
CA ASN D 101 -25.55 -15.79 25.66
C ASN D 101 -24.32 -14.91 25.66
C ASN D 101 -24.29 -14.91 25.67
N GLN D 102 -23.93 -14.42 24.49
CA GLN D 102 -22.73 -13.60 24.34
C GLN D 102 -23.10 -12.12 24.16
N SER D 103 -22.16 -11.26 24.55
CA SER D 103 -22.36 -9.82 24.49
C SER D 103 -22.16 -9.26 23.08
N GLU D 104 -22.90 -8.21 22.77
CA GLU D 104 -22.78 -7.56 21.47
C GLU D 104 -21.48 -6.78 21.34
N ALA D 105 -20.75 -6.62 22.44
CA ALA D 105 -19.48 -5.89 22.44
C ALA D 105 -18.30 -6.74 21.97
N GLY D 106 -18.49 -8.05 21.81
CA GLY D 106 -17.42 -8.93 21.36
C GLY D 106 -17.53 -9.24 19.88
N SER D 107 -16.38 -9.46 19.24
CA SER D 107 -16.32 -9.77 17.82
C SER D 107 -16.47 -11.28 17.60
N HIS D 108 -17.20 -11.66 16.57
CA HIS D 108 -17.41 -13.08 16.28
C HIS D 108 -17.29 -13.31 14.79
N THR D 109 -17.05 -14.56 14.44
CA THR D 109 -16.86 -14.96 13.05
C THR D 109 -17.81 -16.07 12.66
N LEU D 110 -18.40 -15.92 11.47
CA LEU D 110 -19.30 -16.92 10.92
C LEU D 110 -18.77 -17.30 9.54
N GLN D 111 -18.48 -18.59 9.36
CA GLN D 111 -17.96 -19.09 8.10
C GLN D 111 -18.84 -20.21 7.54
N ASN D 112 -18.90 -20.28 6.22
CA ASN D 112 -19.69 -21.31 5.55
C ASN D 112 -19.00 -21.66 4.24
N MET D 113 -19.02 -22.95 3.92
CA MET D 113 -18.47 -23.46 2.67
C MET D 113 -19.47 -24.45 2.12
N TYR D 114 -19.62 -24.49 0.79
CA TYR D 114 -20.50 -25.45 0.13
C TYR D 114 -19.95 -25.65 -1.27
N GLY D 115 -20.25 -26.81 -1.84
CA GLY D 115 -19.78 -27.11 -3.18
C GLY D 115 -19.93 -28.59 -3.50
N CYS D 116 -19.39 -28.97 -4.65
CA CYS D 116 -19.51 -30.32 -5.11
C CYS D 116 -18.19 -30.83 -5.70
N ASP D 117 -18.01 -32.14 -5.62
CA ASP D 117 -16.90 -32.89 -6.18
C ASP D 117 -17.48 -33.77 -7.27
N VAL D 118 -16.85 -33.82 -8.44
CA VAL D 118 -17.34 -34.65 -9.53
C VAL D 118 -16.20 -35.53 -10.02
N GLY D 119 -16.57 -36.73 -10.49
CA GLY D 119 -15.60 -37.68 -10.99
C GLY D 119 -15.29 -37.44 -12.45
N PRO D 120 -14.47 -38.31 -13.04
CA PRO D 120 -14.11 -38.13 -14.47
C PRO D 120 -15.31 -38.18 -15.39
N ASP D 121 -16.38 -38.87 -15.02
CA ASP D 121 -17.57 -38.94 -15.86
C ASP D 121 -18.46 -37.72 -15.72
N GLY D 122 -18.07 -36.76 -14.88
CA GLY D 122 -18.86 -35.56 -14.68
C GLY D 122 -20.03 -35.73 -13.75
N ARG D 123 -20.15 -36.88 -13.09
CA ARG D 123 -21.26 -37.11 -12.17
C ARG D 123 -20.85 -36.75 -10.76
N LEU D 124 -21.85 -36.40 -9.95
CA LEU D 124 -21.60 -36.01 -8.57
C LEU D 124 -20.90 -37.11 -7.78
N LEU D 125 -19.84 -36.73 -7.07
CA LEU D 125 -19.07 -37.60 -6.20
C LEU D 125 -19.38 -37.31 -4.73
N ARG D 126 -19.47 -36.03 -4.38
CA ARG D 126 -19.75 -35.62 -3.01
C ARG D 126 -20.13 -34.15 -2.99
N GLY D 127 -21.16 -33.83 -2.21
CA GLY D 127 -21.60 -32.46 -2.04
C GLY D 127 -21.27 -32.06 -0.62
N TYR D 128 -21.12 -30.75 -0.40
CA TYR D 128 -20.77 -30.24 0.92
C TYR D 128 -21.54 -28.98 1.22
N HIS D 129 -21.74 -28.74 2.51
CA HIS D 129 -22.39 -27.55 3.04
C HIS D 129 -22.17 -27.56 4.55
N GLN D 130 -21.20 -26.80 5.04
CA GLN D 130 -20.92 -26.79 6.47
C GLN D 130 -20.68 -25.37 6.96
N HIS D 131 -20.93 -25.18 8.25
CA HIS D 131 -20.79 -23.91 8.93
C HIS D 131 -19.87 -24.04 10.14
N ALA D 132 -19.22 -22.93 10.47
CA ALA D 132 -18.31 -22.82 11.61
C ALA D 132 -18.54 -21.49 12.28
N TYR D 133 -18.55 -21.50 13.62
CA TYR D 133 -18.72 -20.31 14.42
C TYR D 133 -17.47 -20.15 15.27
N ASP D 134 -16.82 -18.99 15.16
CA ASP D 134 -15.59 -18.68 15.90
C ASP D 134 -14.51 -19.74 15.68
N GLY D 135 -14.40 -20.21 14.43
CA GLY D 135 -13.40 -21.19 14.06
C GLY D 135 -13.66 -22.64 14.42
N LYS D 136 -14.83 -22.96 14.95
CA LYS D 136 -15.13 -24.35 15.32
C LYS D 136 -16.35 -24.86 14.56
N ASP D 137 -16.38 -26.16 14.32
CA ASP D 137 -17.52 -26.78 13.65
C ASP D 137 -18.80 -26.39 14.36
N TYR D 138 -19.82 -26.07 13.56
CA TYR D 138 -21.13 -25.69 14.08
C TYR D 138 -22.15 -26.71 13.57
N ILE D 139 -22.49 -26.69 12.29
CA ILE D 139 -23.43 -27.65 11.73
C ILE D 139 -22.96 -27.95 10.31
N ALA D 140 -23.06 -29.23 9.91
CA ALA D 140 -22.62 -29.68 8.60
C ALA D 140 -23.60 -30.64 7.95
N LEU D 141 -23.75 -30.52 6.64
CA LEU D 141 -24.59 -31.42 5.88
C LEU D 141 -23.82 -32.73 5.71
N ASN D 142 -24.49 -33.84 5.97
CA ASN D 142 -23.83 -35.13 5.86
C ASN D 142 -23.66 -35.55 4.40
N GLU D 143 -22.82 -36.59 4.19
CA GLU D 143 -22.56 -37.12 2.86
C GLU D 143 -23.85 -37.49 2.12
N ASP D 144 -24.89 -37.89 2.86
CA ASP D 144 -26.15 -38.28 2.22
C ASP D 144 -26.92 -37.09 1.68
N LEU D 145 -26.47 -35.87 1.98
CA LEU D 145 -27.13 -34.63 1.53
C LEU D 145 -28.58 -34.58 2.01
N SER D 146 -28.86 -35.18 3.16
N SER D 146 -28.86 -35.21 3.15
CA SER D 146 -30.21 -35.19 3.70
CA SER D 146 -30.21 -35.28 3.69
C SER D 146 -30.28 -35.10 5.21
C SER D 146 -30.29 -35.18 5.21
N SER D 147 -29.23 -35.45 5.95
CA SER D 147 -29.21 -35.38 7.41
C SER D 147 -28.09 -34.45 7.84
N TRP D 148 -28.14 -34.04 9.11
CA TRP D 148 -27.18 -33.08 9.65
C TRP D 148 -26.39 -33.61 10.84
N THR D 149 -25.22 -33.01 11.03
CA THR D 149 -24.31 -33.28 12.13
C THR D 149 -24.13 -31.94 12.84
N ALA D 150 -24.65 -31.86 14.07
CA ALA D 150 -24.57 -30.67 14.90
C ALA D 150 -23.45 -30.85 15.90
N ALA D 151 -22.61 -29.83 16.07
CA ALA D 151 -21.47 -29.96 16.98
C ALA D 151 -21.77 -29.69 18.45
N ASP D 152 -22.85 -28.98 18.78
CA ASP D 152 -23.14 -28.71 20.19
C ASP D 152 -24.65 -28.51 20.35
N THR D 153 -25.07 -28.17 21.57
N THR D 153 -25.05 -28.16 21.57
CA THR D 153 -26.50 -27.99 21.82
CA THR D 153 -26.47 -27.96 21.87
C THR D 153 -27.07 -26.81 21.05
C THR D 153 -27.07 -26.80 21.08
N ALA D 154 -26.28 -25.75 20.85
CA ALA D 154 -26.80 -24.60 20.10
C ALA D 154 -27.05 -24.98 18.65
N ALA D 155 -26.10 -25.70 18.04
CA ALA D 155 -26.30 -26.12 16.66
C ALA D 155 -27.48 -27.07 16.54
N GLN D 156 -27.83 -27.76 17.63
CA GLN D 156 -28.99 -28.65 17.58
C GLN D 156 -30.27 -27.85 17.41
N ILE D 157 -30.27 -26.59 17.85
CA ILE D 157 -31.42 -25.73 17.66
C ILE D 157 -31.58 -25.45 16.17
N THR D 158 -30.46 -25.12 15.52
CA THR D 158 -30.45 -24.89 14.09
C THR D 158 -30.87 -26.16 13.34
N GLN D 159 -30.32 -27.31 13.76
CA GLN D 159 -30.64 -28.57 13.10
C GLN D 159 -32.15 -28.81 13.07
N ARG D 160 -32.81 -28.68 14.23
N ARG D 160 -32.82 -28.67 14.22
CA ARG D 160 -34.26 -28.91 14.27
CA ARG D 160 -34.27 -28.88 14.25
C ARG D 160 -34.99 -27.92 13.37
C ARG D 160 -34.98 -27.90 13.33
N LYS D 161 -34.55 -26.65 13.35
N LYS D 161 -34.56 -26.64 13.34
CA LYS D 161 -35.20 -25.67 12.49
CA LYS D 161 -35.19 -25.63 12.49
C LYS D 161 -35.01 -26.04 11.02
C LYS D 161 -34.99 -25.99 11.01
N TRP D 162 -33.78 -26.40 10.64
CA TRP D 162 -33.49 -26.77 9.27
C TRP D 162 -34.17 -28.08 8.88
N GLU D 163 -34.36 -28.99 9.83
CA GLU D 163 -35.05 -30.22 9.51
C GLU D 163 -36.50 -29.92 9.16
N ALA D 164 -37.16 -29.13 10.01
CA ALA D 164 -38.56 -28.78 9.77
C ALA D 164 -38.73 -27.94 8.51
N ALA D 165 -37.73 -27.12 8.16
CA ALA D 165 -37.83 -26.28 6.98
C ALA D 165 -37.36 -26.98 5.71
N ARG D 166 -37.03 -28.27 5.77
CA ARG D 166 -36.60 -29.05 4.61
C ARG D 166 -35.45 -28.38 3.86
N VAL D 167 -34.50 -27.85 4.63
CA VAL D 167 -33.33 -27.17 4.08
C VAL D 167 -32.45 -28.14 3.30
N ALA D 168 -32.26 -29.35 3.82
CA ALA D 168 -31.39 -30.32 3.15
C ALA D 168 -31.89 -30.67 1.76
N GLU D 169 -33.20 -30.84 1.59
CA GLU D 169 -33.73 -31.17 0.26
C GLU D 169 -33.40 -30.10 -0.75
N GLN D 170 -33.48 -28.83 -0.35
CA GLN D 170 -33.16 -27.75 -1.28
C GLN D 170 -31.67 -27.77 -1.64
N LEU D 171 -30.81 -27.98 -0.63
CA LEU D 171 -29.38 -28.05 -0.91
C LEU D 171 -29.06 -29.23 -1.81
N ARG D 172 -29.67 -30.39 -1.52
CA ARG D 172 -29.43 -31.57 -2.35
C ARG D 172 -29.81 -31.28 -3.80
N ALA D 173 -30.90 -30.54 -4.01
CA ALA D 173 -31.30 -30.22 -5.38
C ALA D 173 -30.24 -29.38 -6.08
N TYR D 174 -29.69 -28.39 -5.38
CA TYR D 174 -28.66 -27.55 -5.98
C TYR D 174 -27.36 -28.32 -6.19
N LEU D 175 -26.90 -29.02 -5.15
CA LEU D 175 -25.64 -29.75 -5.23
C LEU D 175 -25.67 -30.84 -6.29
N GLU D 176 -26.80 -31.52 -6.47
CA GLU D 176 -26.89 -32.56 -7.49
C GLU D 176 -27.14 -31.98 -8.87
N GLY D 177 -27.73 -30.80 -8.96
CA GLY D 177 -28.03 -30.25 -10.27
C GLY D 177 -27.14 -29.12 -10.73
N GLU D 178 -27.51 -27.90 -10.35
CA GLU D 178 -26.80 -26.68 -10.74
C GLU D 178 -25.31 -26.71 -10.42
N CYS D 179 -24.92 -27.15 -9.22
CA CYS D 179 -23.50 -27.16 -8.88
C CYS D 179 -22.71 -27.96 -9.92
N VAL D 180 -23.15 -29.19 -10.18
CA VAL D 180 -22.47 -30.06 -11.14
C VAL D 180 -22.53 -29.50 -12.56
N GLU D 181 -23.70 -29.03 -12.97
N GLU D 181 -23.69 -29.03 -12.99
CA GLU D 181 -23.88 -28.50 -14.32
CA GLU D 181 -23.80 -28.53 -14.36
C GLU D 181 -23.02 -27.25 -14.54
C GLU D 181 -22.99 -27.25 -14.56
N TRP D 182 -22.99 -26.35 -13.58
CA TRP D 182 -22.20 -25.12 -13.76
C TRP D 182 -20.70 -25.42 -13.63
N LEU D 183 -20.33 -26.40 -12.81
CA LEU D 183 -18.92 -26.76 -12.75
C LEU D 183 -18.47 -27.32 -14.10
N ARG D 184 -19.31 -28.15 -14.72
CA ARG D 184 -18.98 -28.71 -16.03
C ARG D 184 -18.84 -27.59 -17.07
N ARG D 185 -19.68 -26.57 -16.98
CA ARG D 185 -19.59 -25.45 -17.92
C ARG D 185 -18.27 -24.71 -17.75
N TYR D 186 -17.89 -24.42 -16.50
CA TYR D 186 -16.62 -23.73 -16.25
C TYR D 186 -15.43 -24.58 -16.72
N LEU D 187 -15.52 -25.90 -16.54
CA LEU D 187 -14.42 -26.77 -16.94
C LEU D 187 -14.21 -26.74 -18.45
N GLU D 188 -15.28 -26.59 -19.23
N GLU D 188 -15.28 -26.58 -19.23
CA GLU D 188 -15.12 -26.53 -20.68
CA GLU D 188 -15.12 -26.54 -20.69
C GLU D 188 -14.59 -25.17 -21.11
C GLU D 188 -14.63 -25.17 -21.14
N ASN D 189 -15.14 -24.08 -20.56
CA ASN D 189 -14.68 -22.75 -20.94
C ASN D 189 -13.22 -22.52 -20.58
N GLY D 190 -12.78 -23.01 -19.42
CA GLY D 190 -11.40 -22.83 -19.03
C GLY D 190 -10.60 -24.10 -19.24
N LYS D 191 -10.97 -24.82 -20.30
CA LYS D 191 -10.34 -26.09 -20.66
C LYS D 191 -8.82 -25.98 -20.72
N GLU D 192 -8.31 -24.99 -21.47
CA GLU D 192 -6.88 -24.83 -21.66
C GLU D 192 -6.07 -24.72 -20.38
N THR D 193 -6.69 -24.42 -19.25
CA THR D 193 -5.97 -24.29 -17.99
C THR D 193 -6.50 -25.20 -16.91
N LEU D 194 -7.81 -25.23 -16.71
CA LEU D 194 -8.40 -26.06 -15.66
C LEU D 194 -8.24 -27.54 -15.93
N GLN D 195 -8.16 -27.94 -17.21
CA GLN D 195 -8.00 -29.34 -17.56
C GLN D 195 -6.55 -29.69 -17.92
N ARG D 196 -5.62 -28.75 -17.77
CA ARG D 196 -4.22 -28.94 -18.07
C ARG D 196 -3.41 -28.82 -16.79
N ALA D 197 -2.71 -29.90 -16.43
CA ALA D 197 -1.88 -29.91 -15.23
C ALA D 197 -0.49 -29.41 -15.59
N ASP D 198 0.08 -28.56 -14.71
CA ASP D 198 1.41 -28.02 -14.91
C ASP D 198 2.39 -28.82 -14.07
N PRO D 199 3.30 -29.58 -14.68
CA PRO D 199 4.22 -30.37 -13.88
C PRO D 199 5.17 -29.47 -13.11
N PRO D 200 5.64 -29.90 -11.95
CA PRO D 200 6.56 -29.06 -11.18
C PRO D 200 7.96 -29.09 -11.77
N LYS D 201 8.62 -27.95 -11.68
CA LYS D 201 10.00 -27.84 -12.08
C LYS D 201 10.75 -28.27 -10.83
N THR D 202 11.70 -29.20 -10.97
CA THR D 202 12.39 -29.72 -9.81
C THR D 202 13.90 -29.61 -9.90
N HIS D 203 14.51 -29.46 -8.72
CA HIS D 203 15.96 -29.37 -8.57
C HIS D 203 16.28 -29.54 -7.08
N VAL D 204 17.50 -29.97 -6.81
CA VAL D 204 17.98 -30.21 -5.46
C VAL D 204 19.09 -29.22 -5.15
N THR D 205 19.04 -28.59 -3.98
CA THR D 205 20.06 -27.64 -3.56
C THR D 205 20.79 -28.17 -2.34
N HIS D 206 22.02 -27.69 -2.19
CA HIS D 206 22.93 -28.09 -1.12
C HIS D 206 23.36 -26.85 -0.34
N HIS D 207 23.23 -26.89 0.97
CA HIS D 207 23.60 -25.74 1.82
C HIS D 207 24.34 -26.22 3.06
N PRO D 208 25.65 -26.05 3.09
CA PRO D 208 26.42 -26.48 4.27
C PRO D 208 25.94 -25.74 5.51
N ILE D 209 25.84 -26.50 6.61
CA ILE D 209 25.46 -25.95 7.90
C ILE D 209 26.72 -25.77 8.75
N SER D 210 27.76 -26.53 8.47
CA SER D 210 29.04 -26.51 9.15
C SER D 210 30.00 -27.29 8.26
N ASP D 211 31.17 -27.63 8.79
CA ASP D 211 32.11 -28.43 8.02
C ASP D 211 31.78 -29.92 8.09
N HIS D 212 30.75 -30.31 8.85
CA HIS D 212 30.37 -31.71 9.00
C HIS D 212 28.94 -32.03 8.62
N GLU D 213 28.09 -31.04 8.38
CA GLU D 213 26.71 -31.33 8.01
C GLU D 213 26.23 -30.34 6.96
N ALA D 214 25.21 -30.77 6.21
CA ALA D 214 24.64 -29.94 5.15
C ALA D 214 23.17 -30.28 4.96
N THR D 215 22.43 -29.28 4.49
CA THR D 215 21.01 -29.43 4.22
C THR D 215 20.79 -29.68 2.73
N LEU D 216 20.05 -30.73 2.40
CA LEU D 216 19.67 -31.05 1.04
C LEU D 216 18.20 -30.61 0.91
N ARG D 217 17.93 -29.68 0.01
CA ARG D 217 16.57 -29.16 -0.18
C ARG D 217 16.07 -29.56 -1.56
N CYS D 218 14.90 -30.20 -1.61
CA CYS D 218 14.30 -30.63 -2.86
C CYS D 218 13.20 -29.65 -3.20
N TRP D 219 13.31 -28.99 -4.34
N TRP D 219 13.31 -28.99 -4.33
CA TRP D 219 12.34 -27.99 -4.76
CA TRP D 219 12.35 -27.98 -4.76
C TRP D 219 11.39 -28.52 -5.82
C TRP D 219 11.39 -28.52 -5.81
N ALA D 220 10.17 -28.00 -5.78
CA ALA D 220 9.10 -28.33 -6.72
C ALA D 220 8.43 -26.97 -6.93
N LEU D 221 8.56 -26.40 -8.12
CA LEU D 221 8.04 -25.07 -8.40
C LEU D 221 7.12 -25.02 -9.61
N GLY D 222 6.25 -24.01 -9.59
CA GLY D 222 5.31 -23.74 -10.68
C GLY D 222 4.37 -24.86 -11.05
N PHE D 223 3.90 -25.63 -10.09
CA PHE D 223 3.01 -26.72 -10.43
C PHE D 223 1.54 -26.36 -10.16
N TYR D 224 0.66 -27.20 -10.73
CA TYR D 224 -0.80 -27.09 -10.62
C TYR D 224 -1.40 -28.43 -11.07
N PRO D 225 -2.34 -29.01 -10.32
N PRO D 225 -2.36 -29.01 -10.32
CA PRO D 225 -2.93 -28.51 -9.07
CA PRO D 225 -2.95 -28.51 -9.08
C PRO D 225 -1.98 -28.52 -7.88
C PRO D 225 -1.99 -28.52 -7.88
N ALA D 226 -2.46 -28.02 -6.74
CA ALA D 226 -1.62 -27.94 -5.54
C ALA D 226 -1.25 -29.30 -4.95
N GLU D 227 -2.05 -30.34 -5.19
CA GLU D 227 -1.73 -31.65 -4.62
C GLU D 227 -0.38 -32.15 -5.14
N ILE D 228 0.51 -32.50 -4.22
CA ILE D 228 1.83 -32.98 -4.57
C ILE D 228 2.39 -33.78 -3.41
N THR D 229 3.40 -34.61 -3.70
CA THR D 229 4.03 -35.44 -2.67
C THR D 229 5.54 -35.39 -2.88
N LEU D 230 6.25 -34.81 -1.91
CA LEU D 230 7.71 -34.72 -1.94
C LEU D 230 8.26 -35.56 -0.80
N THR D 231 9.19 -36.46 -1.12
CA THR D 231 9.77 -37.30 -0.09
C THR D 231 11.27 -37.41 -0.29
N TRP D 232 11.97 -37.68 0.81
CA TRP D 232 13.41 -37.87 0.82
C TRP D 232 13.66 -39.31 1.24
N GLN D 233 14.63 -39.95 0.57
CA GLN D 233 14.97 -41.33 0.88
C GLN D 233 16.47 -41.46 1.04
N ARG D 234 16.89 -42.28 2.00
CA ARG D 234 18.30 -42.55 2.25
C ARG D 234 18.48 -44.02 1.89
N ASP D 235 19.26 -44.29 0.84
CA ASP D 235 19.48 -45.64 0.36
C ASP D 235 18.16 -46.32 0.01
N GLY D 236 17.20 -45.53 -0.48
CA GLY D 236 15.89 -46.02 -0.85
C GLY D 236 14.92 -46.15 0.31
N GLU D 237 15.21 -45.55 1.46
CA GLU D 237 14.34 -45.62 2.63
C GLU D 237 13.83 -44.24 3.00
N ASP D 238 12.52 -44.10 3.09
CA ASP D 238 11.91 -42.81 3.44
C ASP D 238 12.45 -42.27 4.75
N GLN D 239 12.73 -40.97 4.76
CA GLN D 239 13.23 -40.26 5.94
C GLN D 239 12.16 -39.29 6.43
N THR D 240 10.91 -39.77 6.42
CA THR D 240 9.76 -38.95 6.82
C THR D 240 9.95 -38.26 8.16
N GLN D 241 10.40 -39.00 9.18
CA GLN D 241 10.57 -38.40 10.50
C GLN D 241 11.68 -37.34 10.52
N ASP D 242 12.69 -37.48 9.67
CA ASP D 242 13.79 -36.53 9.63
C ASP D 242 13.63 -35.47 8.54
N THR D 243 12.53 -35.50 7.80
CA THR D 243 12.30 -34.56 6.72
C THR D 243 11.49 -33.35 7.18
N GLU D 244 11.97 -32.16 6.83
CA GLU D 244 11.27 -30.92 7.14
C GLU D 244 10.49 -30.52 5.89
N LEU D 245 9.16 -30.52 6.00
CA LEU D 245 8.27 -30.18 4.91
C LEU D 245 7.56 -28.87 5.19
N VAL D 246 7.53 -27.99 4.20
CA VAL D 246 6.83 -26.73 4.35
C VAL D 246 5.48 -26.88 3.67
N GLU D 247 4.52 -26.06 4.09
CA GLU D 247 3.20 -26.10 3.51
C GLU D 247 3.26 -25.65 2.06
N THR D 248 2.47 -26.31 1.21
CA THR D 248 2.41 -25.93 -0.20
C THR D 248 1.99 -24.47 -0.24
N ARG D 249 2.66 -23.68 -1.08
CA ARG D 249 2.39 -22.25 -1.09
C ARG D 249 2.14 -21.70 -2.48
N PRO D 250 1.32 -20.65 -2.59
CA PRO D 250 1.04 -20.05 -3.89
C PRO D 250 2.20 -19.18 -4.37
N ALA D 251 2.52 -19.29 -5.65
CA ALA D 251 3.58 -18.47 -6.22
C ALA D 251 3.09 -17.08 -6.58
N GLY D 252 1.78 -16.90 -6.69
CA GLY D 252 1.17 -15.63 -7.04
C GLY D 252 0.71 -15.57 -8.48
N ASP D 253 1.07 -16.56 -9.28
CA ASP D 253 0.71 -16.64 -10.70
C ASP D 253 -0.23 -17.78 -10.99
N ARG D 254 -0.93 -18.28 -9.95
CA ARG D 254 -1.90 -19.36 -9.94
C ARG D 254 -1.25 -20.74 -9.76
N THR D 255 0.09 -20.84 -9.76
CA THR D 255 0.80 -22.09 -9.55
C THR D 255 1.33 -22.12 -8.12
N PHE D 256 1.79 -23.29 -7.68
CA PHE D 256 2.27 -23.48 -6.32
C PHE D 256 3.74 -23.90 -6.24
N GLN D 257 4.23 -23.86 -5.00
CA GLN D 257 5.61 -24.21 -4.66
C GLN D 257 5.62 -25.02 -3.39
N LYS D 258 6.69 -25.80 -3.22
CA LYS D 258 6.88 -26.62 -2.03
C LYS D 258 8.32 -27.10 -2.02
N TRP D 259 8.82 -27.41 -0.82
CA TRP D 259 10.14 -27.96 -0.69
C TRP D 259 10.19 -28.84 0.55
N ALA D 260 11.14 -29.77 0.54
CA ALA D 260 11.38 -30.71 1.62
C ALA D 260 12.88 -30.73 1.84
N ALA D 261 13.32 -30.65 3.10
CA ALA D 261 14.73 -30.62 3.39
C ALA D 261 15.12 -31.63 4.46
N VAL D 262 16.38 -32.08 4.39
N VAL D 262 16.38 -32.08 4.39
CA VAL D 262 16.94 -33.04 5.32
CA VAL D 262 16.94 -33.03 5.32
C VAL D 262 18.38 -32.64 5.61
C VAL D 262 18.38 -32.62 5.61
N VAL D 263 18.80 -32.82 6.86
CA VAL D 263 20.16 -32.49 7.29
C VAL D 263 20.95 -33.79 7.25
N VAL D 264 22.00 -33.85 6.44
CA VAL D 264 22.76 -35.08 6.30
C VAL D 264 24.22 -34.88 6.69
N PRO D 265 24.91 -35.93 7.12
CA PRO D 265 26.32 -35.80 7.46
C PRO D 265 27.13 -35.60 6.19
N SER D 266 28.08 -34.67 6.24
CA SER D 266 28.93 -34.40 5.08
C SER D 266 29.59 -35.69 4.60
N GLY D 267 29.47 -35.96 3.31
CA GLY D 267 30.01 -37.14 2.70
C GLY D 267 28.99 -38.22 2.38
N GLU D 268 27.76 -38.10 2.89
CA GLU D 268 26.73 -39.08 2.65
C GLU D 268 25.66 -38.59 1.66
N GLU D 269 25.75 -37.34 1.22
CA GLU D 269 24.78 -36.73 0.31
C GLU D 269 24.32 -37.61 -0.85
N GLN D 270 25.23 -38.41 -1.44
CA GLN D 270 24.86 -39.24 -2.57
C GLN D 270 23.95 -40.41 -2.21
N ARG D 271 23.73 -40.68 -0.92
CA ARG D 271 22.84 -41.75 -0.51
C ARG D 271 21.41 -41.27 -0.35
N TYR D 272 21.15 -39.99 -0.62
CA TYR D 272 19.83 -39.41 -0.50
C TYR D 272 19.25 -39.09 -1.87
N THR D 273 17.96 -39.35 -2.04
N THR D 273 17.96 -39.37 -2.04
CA THR D 273 17.28 -39.07 -3.29
CA THR D 273 17.25 -39.13 -3.29
C THR D 273 15.90 -38.51 -2.99
C THR D 273 15.89 -38.51 -2.98
N CYS D 274 15.45 -37.59 -3.83
CA CYS D 274 14.15 -36.94 -3.65
C CYS D 274 13.16 -37.53 -4.65
N HIS D 275 11.94 -37.81 -4.20
CA HIS D 275 10.92 -38.39 -5.04
C HIS D 275 9.73 -37.45 -5.11
N VAL D 276 9.30 -37.13 -6.34
CA VAL D 276 8.22 -36.20 -6.58
C VAL D 276 7.06 -36.93 -7.25
N GLN D 277 5.86 -36.73 -6.71
CA GLN D 277 4.64 -37.31 -7.24
C GLN D 277 3.68 -36.16 -7.49
N HIS D 278 3.26 -36.00 -8.75
CA HIS D 278 2.35 -34.94 -9.14
C HIS D 278 1.53 -35.44 -10.32
N GLU D 279 0.30 -34.90 -10.43
N GLU D 279 0.30 -34.91 -10.43
CA GLU D 279 -0.59 -35.31 -11.51
CA GLU D 279 -0.59 -35.34 -11.52
C GLU D 279 -0.02 -34.98 -12.87
C GLU D 279 -0.02 -35.00 -12.89
N GLY D 280 0.79 -33.93 -12.98
CA GLY D 280 1.38 -33.55 -14.24
C GLY D 280 2.56 -34.36 -14.68
N LEU D 281 3.01 -35.31 -13.85
CA LEU D 281 4.16 -36.15 -14.17
C LEU D 281 3.70 -37.54 -14.57
N PRO D 282 4.08 -38.03 -15.77
CA PRO D 282 3.66 -39.39 -16.15
C PRO D 282 4.11 -40.44 -15.16
N LYS D 283 5.40 -40.43 -14.80
CA LYS D 283 5.96 -41.34 -13.83
C LYS D 283 6.66 -40.49 -12.78
N PRO D 284 6.61 -40.89 -11.50
CA PRO D 284 7.28 -40.12 -10.45
C PRO D 284 8.74 -39.83 -10.79
N LEU D 285 9.23 -38.72 -10.28
CA LEU D 285 10.60 -38.29 -10.52
C LEU D 285 11.50 -38.69 -9.36
N THR D 286 12.74 -39.04 -9.70
CA THR D 286 13.77 -39.40 -8.73
C THR D 286 14.92 -38.43 -8.96
N LEU D 287 15.27 -37.67 -7.93
CA LEU D 287 16.32 -36.67 -8.08
C LEU D 287 17.38 -36.81 -7.00
N ARG D 288 18.58 -36.36 -7.34
CA ARG D 288 19.72 -36.36 -6.46
C ARG D 288 20.40 -35.00 -6.63
N TRP D 289 21.34 -34.70 -5.73
CA TRP D 289 22.07 -33.44 -5.82
C TRP D 289 23.12 -33.57 -6.91
N GLU D 290 23.05 -32.68 -7.91
CA GLU D 290 24.00 -32.69 -9.03
C GLU D 290 24.87 -31.45 -8.91
N PRO D 291 26.03 -31.55 -8.25
CA PRO D 291 26.96 -30.43 -8.05
C PRO D 291 27.54 -29.91 -9.35
N ILE E 2 -11.89 -20.44 19.42
CA ILE E 2 -10.45 -20.67 19.44
C ILE E 2 -9.69 -19.58 18.73
N GLN E 3 -8.38 -19.58 18.94
CA GLN E 3 -7.47 -18.66 18.29
C GLN E 3 -6.24 -19.47 17.90
N ARG E 4 -5.72 -19.21 16.71
CA ARG E 4 -4.58 -19.95 16.17
C ARG E 4 -3.55 -18.99 15.60
N THR E 5 -2.27 -19.23 15.92
CA THR E 5 -1.16 -18.41 15.48
C THR E 5 -0.85 -18.64 14.01
N PRO E 6 -0.53 -17.58 13.28
CA PRO E 6 -0.25 -17.76 11.85
C PRO E 6 1.10 -18.40 11.58
N LYS E 7 1.12 -19.19 10.52
CA LYS E 7 2.33 -19.76 9.98
C LYS E 7 2.77 -18.67 9.01
N ILE E 8 4.08 -18.51 8.81
CA ILE E 8 4.58 -17.44 7.96
C ILE E 8 5.68 -17.97 7.05
N GLN E 9 5.53 -17.71 5.75
CA GLN E 9 6.53 -18.07 4.75
C GLN E 9 6.79 -16.85 3.87
N VAL E 10 8.07 -16.47 3.76
N VAL E 10 8.06 -16.45 3.76
CA VAL E 10 8.53 -15.35 2.96
CA VAL E 10 8.47 -15.32 2.93
C VAL E 10 9.41 -15.93 1.86
C VAL E 10 9.39 -15.90 1.87
N TYR E 11 9.01 -15.72 0.61
CA TYR E 11 9.76 -16.30 -0.51
C TYR E 11 9.49 -15.51 -1.77
N SER E 12 10.26 -15.81 -2.80
CA SER E 12 10.10 -15.12 -4.08
C SER E 12 9.29 -16.01 -5.04
N ARG E 13 8.65 -15.36 -6.01
CA ARG E 13 7.87 -16.12 -6.98
C ARG E 13 8.78 -16.93 -7.88
N HIS E 14 9.89 -16.35 -8.32
CA HIS E 14 10.86 -17.00 -9.17
C HIS E 14 12.20 -17.08 -8.45
N PRO E 15 13.09 -17.98 -8.87
CA PRO E 15 14.40 -18.05 -8.23
C PRO E 15 15.06 -16.68 -8.29
N ALA E 16 15.62 -16.26 -7.16
CA ALA E 16 16.22 -14.94 -7.07
C ALA E 16 17.46 -14.82 -7.96
N GLU E 17 17.55 -13.70 -8.66
CA GLU E 17 18.68 -13.34 -9.51
C GLU E 17 18.87 -11.85 -9.29
N ASN E 18 20.00 -11.47 -8.70
CA ASN E 18 20.28 -10.07 -8.41
C ASN E 18 20.16 -9.19 -9.64
N GLY E 19 19.40 -8.11 -9.51
CA GLY E 19 19.18 -7.18 -10.59
C GLY E 19 18.03 -7.50 -11.50
N LYS E 20 17.32 -8.61 -11.27
CA LYS E 20 16.20 -9.02 -12.12
C LYS E 20 14.89 -8.87 -11.34
N SER E 21 13.90 -8.25 -11.98
N SER E 21 13.90 -8.26 -11.98
CA SER E 21 12.60 -8.07 -11.34
CA SER E 21 12.61 -8.07 -11.34
C SER E 21 12.01 -9.42 -10.97
C SER E 21 12.01 -9.42 -10.97
N ASN E 22 11.32 -9.45 -9.84
CA ASN E 22 10.72 -10.66 -9.32
C ASN E 22 9.50 -10.25 -8.48
N PHE E 23 8.98 -11.19 -7.69
CA PHE E 23 7.87 -10.92 -6.81
C PHE E 23 8.22 -11.49 -5.44
N LEU E 24 8.03 -10.68 -4.40
CA LEU E 24 8.29 -11.08 -3.03
C LEU E 24 6.93 -11.40 -2.39
N ASN E 25 6.78 -12.62 -1.90
CA ASN E 25 5.54 -13.08 -1.30
C ASN E 25 5.67 -13.31 0.19
N CYS E 26 4.57 -13.12 0.90
CA CYS E 26 4.49 -13.43 2.32
C CYS E 26 3.17 -14.17 2.46
N TYR E 27 3.25 -15.47 2.68
CA TYR E 27 2.08 -16.32 2.81
C TYR E 27 1.81 -16.59 4.29
N VAL E 28 0.64 -16.15 4.77
CA VAL E 28 0.23 -16.35 6.16
C VAL E 28 -0.93 -17.33 6.14
N SER E 29 -0.86 -18.35 6.98
CA SER E 29 -1.89 -19.37 6.98
C SER E 29 -2.11 -19.92 8.38
N GLY E 30 -3.15 -20.75 8.50
CA GLY E 30 -3.51 -21.42 9.74
C GLY E 30 -3.87 -20.53 10.90
N PHE E 31 -4.26 -19.27 10.66
CA PHE E 31 -4.60 -18.39 11.77
C PHE E 31 -6.10 -18.18 11.91
N HIS E 32 -6.50 -17.74 13.13
CA HIS E 32 -7.87 -17.44 13.53
C HIS E 32 -7.81 -16.62 14.82
N PRO E 33 -8.51 -15.48 14.93
CA PRO E 33 -9.42 -14.84 13.96
C PRO E 33 -8.72 -14.31 12.71
N SER E 34 -9.53 -13.83 11.76
CA SER E 34 -9.03 -13.35 10.48
C SER E 34 -8.35 -11.98 10.54
N ASP E 35 -8.55 -11.19 11.59
CA ASP E 35 -7.88 -9.89 11.66
C ASP E 35 -6.37 -10.11 11.75
N ILE E 36 -5.64 -9.58 10.79
CA ILE E 36 -4.19 -9.73 10.79
C ILE E 36 -3.59 -8.51 10.12
N GLU E 37 -2.34 -8.22 10.47
CA GLU E 37 -1.62 -7.08 9.91
C GLU E 37 -0.32 -7.64 9.37
N VAL E 38 -0.09 -7.48 8.07
CA VAL E 38 1.10 -8.00 7.42
C VAL E 38 1.79 -6.88 6.65
N ASP E 39 3.11 -6.81 6.81
CA ASP E 39 3.88 -5.80 6.10
C ASP E 39 5.14 -6.45 5.56
N LEU E 40 5.56 -5.99 4.40
CA LEU E 40 6.80 -6.44 3.78
C LEU E 40 7.80 -5.32 4.07
N LEU E 41 9.01 -5.69 4.43
CA LEU E 41 10.00 -4.68 4.78
C LEU E 41 11.23 -4.77 3.89
N LYS E 42 11.80 -3.60 3.62
CA LYS E 42 13.03 -3.46 2.86
C LYS E 42 13.98 -2.69 3.76
N ASN E 43 15.06 -3.34 4.17
CA ASN E 43 16.04 -2.73 5.07
C ASN E 43 15.34 -2.13 6.30
N GLY E 44 14.44 -2.90 6.89
CA GLY E 44 13.68 -2.48 8.04
C GLY E 44 12.59 -1.47 7.78
N GLU E 45 12.35 -1.10 6.52
CA GLU E 45 11.35 -0.10 6.18
C GLU E 45 10.15 -0.73 5.49
N ARG E 46 8.97 -0.25 5.84
CA ARG E 46 7.72 -0.76 5.28
C ARG E 46 7.60 -0.46 3.78
N ILE E 47 7.30 -1.49 3.00
CA ILE E 47 7.09 -1.32 1.55
C ILE E 47 5.63 -0.89 1.43
N GLU E 48 5.42 0.27 0.78
CA GLU E 48 4.09 0.87 0.69
C GLU E 48 3.04 0.11 -0.12
N LYS E 49 3.20 0.02 -1.43
CA LYS E 49 2.19 -0.62 -2.28
C LYS E 49 2.36 -2.14 -2.31
N VAL E 50 1.74 -2.80 -1.34
CA VAL E 50 1.72 -4.25 -1.22
C VAL E 50 0.28 -4.69 -1.37
N GLU E 51 0.03 -5.65 -2.26
CA GLU E 51 -1.31 -6.17 -2.50
C GLU E 51 -1.50 -7.50 -1.80
N HIS E 52 -2.76 -7.92 -1.69
CA HIS E 52 -3.02 -9.19 -1.02
C HIS E 52 -4.24 -9.88 -1.61
N SER E 53 -4.30 -11.17 -1.39
CA SER E 53 -5.41 -11.99 -1.86
C SER E 53 -6.61 -11.82 -0.94
N ASP E 54 -7.78 -12.20 -1.45
CA ASP E 54 -9.00 -12.09 -0.67
C ASP E 54 -9.06 -13.22 0.36
N LEU E 55 -9.51 -12.87 1.57
CA LEU E 55 -9.59 -13.82 2.68
C LEU E 55 -10.29 -15.11 2.29
N SER E 56 -9.62 -16.23 2.57
CA SER E 56 -10.16 -17.55 2.30
C SER E 56 -9.73 -18.44 3.46
N PHE E 57 -10.17 -19.69 3.45
CA PHE E 57 -9.81 -20.56 4.57
C PHE E 57 -9.70 -22.01 4.13
N SER E 58 -9.04 -22.80 4.97
CA SER E 58 -8.78 -24.21 4.71
C SER E 58 -9.88 -25.10 5.27
N LYS E 59 -9.73 -26.41 5.04
CA LYS E 59 -10.71 -27.37 5.51
C LYS E 59 -10.93 -27.28 7.02
N ASP E 60 -9.88 -26.97 7.79
CA ASP E 60 -10.00 -26.87 9.25
C ASP E 60 -10.51 -25.50 9.71
N TRP E 61 -10.99 -24.66 8.80
CA TRP E 61 -11.54 -23.32 8.99
C TRP E 61 -10.49 -22.24 9.21
N SER E 62 -9.19 -22.57 9.34
CA SER E 62 -8.21 -21.52 9.54
C SER E 62 -8.02 -20.72 8.26
N PHE E 63 -7.71 -19.43 8.42
CA PHE E 63 -7.57 -18.52 7.30
C PHE E 63 -6.17 -18.52 6.69
N TYR E 64 -6.10 -18.08 5.44
CA TYR E 64 -4.82 -17.94 4.74
C TYR E 64 -4.90 -16.73 3.83
N LEU E 65 -3.76 -16.05 3.68
CA LEU E 65 -3.67 -14.85 2.86
C LEU E 65 -2.29 -14.77 2.20
N LEU E 66 -2.26 -14.25 0.98
CA LEU E 66 -1.01 -14.04 0.24
C LEU E 66 -0.81 -12.55 0.07
N TYR E 67 0.32 -12.04 0.56
CA TYR E 67 0.70 -10.64 0.43
C TYR E 67 1.86 -10.64 -0.54
N TYR E 68 1.88 -9.67 -1.46
CA TYR E 68 2.94 -9.68 -2.46
C TYR E 68 3.18 -8.30 -3.04
N THR E 69 4.40 -8.12 -3.53
CA THR E 69 4.83 -6.89 -4.15
C THR E 69 5.95 -7.19 -5.13
N GLU E 70 6.07 -6.35 -6.15
N GLU E 70 6.07 -6.35 -6.15
CA GLU E 70 7.12 -6.53 -7.13
CA GLU E 70 7.13 -6.53 -7.13
C GLU E 70 8.42 -5.97 -6.55
C GLU E 70 8.42 -5.99 -6.53
N PHE E 71 9.52 -6.69 -6.77
CA PHE E 71 10.79 -6.24 -6.24
C PHE E 71 11.93 -6.77 -7.11
N THR E 72 13.09 -6.19 -6.91
CA THR E 72 14.31 -6.55 -7.63
C THR E 72 15.36 -6.81 -6.56
N PRO E 73 15.62 -8.07 -6.22
CA PRO E 73 16.59 -8.35 -5.17
C PRO E 73 18.00 -8.01 -5.60
N THR E 74 18.79 -7.57 -4.63
CA THR E 74 20.20 -7.21 -4.81
C THR E 74 21.02 -8.03 -3.82
N GLU E 75 22.34 -7.85 -3.91
CA GLU E 75 23.24 -8.62 -3.05
C GLU E 75 23.05 -8.29 -1.57
N LYS E 76 22.87 -7.03 -1.20
CA LYS E 76 22.75 -6.76 0.23
C LYS E 76 21.48 -6.03 0.65
N ASP E 77 20.44 -6.00 -0.17
CA ASP E 77 19.20 -5.40 0.30
C ASP E 77 18.55 -6.48 1.15
N GLU E 78 18.05 -6.11 2.32
CA GLU E 78 17.42 -7.07 3.21
C GLU E 78 15.91 -6.94 3.13
N TYR E 79 15.21 -8.06 2.98
CA TYR E 79 13.75 -8.08 2.90
C TYR E 79 13.18 -8.96 3.99
N ALA E 80 11.98 -8.60 4.45
CA ALA E 80 11.34 -9.40 5.51
C ALA E 80 9.84 -9.17 5.45
N CYS E 81 9.15 -9.94 6.27
CA CYS E 81 7.71 -9.88 6.43
C CYS E 81 7.46 -9.73 7.93
N ARG E 82 6.64 -8.76 8.29
CA ARG E 82 6.29 -8.46 9.68
C ARG E 82 4.81 -8.76 9.84
N VAL E 83 4.47 -9.57 10.82
CA VAL E 83 3.08 -9.98 11.03
C VAL E 83 2.66 -9.68 12.45
N ASN E 84 1.45 -9.15 12.60
CA ASN E 84 0.87 -8.87 13.90
C ASN E 84 -0.50 -9.52 13.92
N HIS E 85 -0.78 -10.23 15.01
CA HIS E 85 -2.02 -10.97 15.20
C HIS E 85 -2.30 -10.98 16.70
N VAL E 86 -3.57 -11.18 17.08
CA VAL E 86 -3.89 -11.18 18.51
C VAL E 86 -3.10 -12.26 19.25
N THR E 87 -2.72 -13.34 18.57
CA THR E 87 -1.96 -14.41 19.20
C THR E 87 -0.50 -14.07 19.43
N LEU E 88 -0.02 -12.93 18.96
CA LEU E 88 1.38 -12.52 19.10
C LEU E 88 1.47 -11.32 20.02
N SER E 89 2.25 -11.45 21.11
CA SER E 89 2.40 -10.33 22.03
C SER E 89 3.19 -9.19 21.41
N GLN E 90 3.92 -9.45 20.33
CA GLN E 90 4.71 -8.45 19.63
C GLN E 90 4.78 -8.88 18.17
N PRO E 91 4.93 -7.94 17.24
CA PRO E 91 5.01 -8.33 15.83
C PRO E 91 6.14 -9.32 15.61
N LYS E 92 5.91 -10.27 14.70
N LYS E 92 5.91 -10.24 14.68
CA LYS E 92 6.91 -11.27 14.38
CA LYS E 92 6.86 -11.27 14.33
C LYS E 92 7.51 -10.91 13.02
C LYS E 92 7.50 -10.92 12.99
N ILE E 93 8.83 -10.91 12.94
CA ILE E 93 9.56 -10.59 11.73
C ILE E 93 10.29 -11.84 11.25
N VAL E 94 10.06 -12.19 10.00
CA VAL E 94 10.67 -13.34 9.36
C VAL E 94 11.46 -12.80 8.18
N LYS E 95 12.78 -12.96 8.22
CA LYS E 95 13.62 -12.44 7.15
C LYS E 95 13.51 -13.31 5.91
N TRP E 96 13.68 -12.66 4.75
CA TRP E 96 13.65 -13.39 3.49
C TRP E 96 15.00 -14.05 3.26
N ASP E 97 14.98 -15.35 2.95
CA ASP E 97 16.17 -16.15 2.65
C ASP E 97 15.91 -16.72 1.26
N ARG E 98 16.67 -16.26 0.26
CA ARG E 98 16.45 -16.72 -1.11
C ARG E 98 16.62 -18.22 -1.28
N ASP E 99 17.07 -18.95 -0.26
CA ASP E 99 17.24 -20.38 -0.34
C ASP E 99 16.10 -21.13 0.32
N MET E 100 15.00 -20.43 0.65
CA MET E 100 13.86 -21.06 1.30
C MET E 100 12.54 -20.60 0.68
N ARG F 1 -22.08 -21.51 -10.56
CA ARG F 1 -22.76 -20.34 -10.00
C ARG F 1 -23.29 -20.69 -8.62
N ARG F 2 -23.58 -19.67 -7.84
CA ARG F 2 -24.01 -19.79 -6.45
C ARG F 2 -25.46 -20.22 -6.30
N LYS F 3 -25.77 -20.64 -5.09
CA LYS F 3 -27.10 -21.03 -4.66
C LYS F 3 -27.73 -19.84 -3.97
N TRP F 4 -29.05 -19.85 -3.87
CA TRP F 4 -29.79 -18.76 -3.23
C TRP F 4 -30.00 -19.02 -1.75
N ARG F 5 -29.89 -17.96 -0.95
CA ARG F 5 -30.08 -18.03 0.50
C ARG F 5 -30.56 -16.65 0.94
N ARG F 6 -31.88 -16.50 1.09
CA ARG F 6 -32.51 -15.23 1.47
C ARG F 6 -32.78 -15.09 2.96
N TRP F 7 -32.97 -16.19 3.69
CA TRP F 7 -33.20 -16.15 5.14
C TRP F 7 -32.54 -17.40 5.71
N LEU F 9 -30.25 -19.35 10.81
CA LEU F 9 -29.59 -20.23 11.76
C LEU F 9 -30.49 -20.29 12.99
#